data_5T33
#
_entry.id   5T33
#
_cell.length_a   68.176
_cell.length_b   71.139
_cell.length_c   190.596
_cell.angle_alpha   90.000
_cell.angle_beta   90.000
_cell.angle_gamma   90.000
#
_symmetry.space_group_name_H-M   'P 21 21 21'
#
loop_
_entity.id
_entity.type
_entity.pdbx_description
1 polymer 'CAP257-RH1 heavy chain'
2 polymer 'CAP257-RH1 light chain'
3 polymer 'RHPA gp120 core'
4 branched 2-acetamido-2-deoxy-beta-D-glucopyranose-(1-4)-2-acetamido-2-deoxy-beta-D-glucopyranose
5 branched alpha-D-mannopyranose-(1-6)-beta-D-mannopyranose-(1-4)-2-acetamido-2-deoxy-beta-D-glucopyranose-(1-4)-2-acetamido-2-deoxy-beta-D-glucopyranose
6 branched alpha-D-mannopyranose-(1-3)-[alpha-D-mannopyranose-(1-6)]alpha-D-mannopyranose-(1-6)-[alpha-D-mannopyranose-(1-3)]beta-D-mannopyranose-(1-4)-2-acetamido-2-deoxy-beta-D-glucopyranose-(1-4)-2-acetamido-2-deoxy-beta-D-glucopyranose
7 non-polymer 2-acetamido-2-deoxy-beta-D-glucopyranose
#
loop_
_entity_poly.entity_id
_entity_poly.type
_entity_poly.pdbx_seq_one_letter_code
_entity_poly.pdbx_strand_id
1 'polypeptide(L)'
;QVQLVESGGGLFQPGRSLRLSCVASGFSFNEKAMHWVRQAPGKGLEWVAIIWYNSIHKNYADSVKGRFTISRDNSKNTLY
LQMNSLRADDTAVYYCANAGGGKYDYLDVWGRGTTVTVSSASTKGPSVFPLAPSSKSTSGGTAALGCLVKDYFPEPVTVS
WNSGALTSGVHTFPAVLQSSGLYSLSSVVTVPSSSLGTQTYICNVNHKPSNTKVDKKVEPKSC
;
H
2 'polypeptide(L)'
;SYELTQPPSVSVSPGQTARITCSGDTLSTKWSYWCQQKSGQAPVLVIYEGNKRFSGTPAKFSGFHSGTMATLTISGAQVD
DEADYYCFSTDSSGQTWVFGGGTKLTVLRQPKAAPSVTLFPPSSEELQANKATLVCLISDFYPGAVTVAWKADSSPVKAG
VETTTPSKQSNNKYAASSYLSLTPEQWKSHRSYSCQVTHEGSTVEKTVAPTECS
;
L
3 'polypeptide(L)'
;VWKEANTTLFCASDAKAYDTEAHNVWATHACVPTDPNPQEVVLENVTENFNMWKNHMVEQMHEDIISLWDQSLKPCVKLT
GGVITQACPKISFEPIPIHYCAPAGFAILKCNDKKFNGTGPCTNVSTVQCTHGIRPVVSTQLLLNGSLAEEEVVIRSENF
TNNVKNIIVQLNESVQINCTRHNNGGSGSGGDIRQAHCNISREKWQNTLKQIVKKLREQFKNKTIAFAPSSGGDPEIVMH
SFNCNGEFFYCNTTKLFTSTWNSTWNSTWNNTEGSNSTVITLPCRIRQIINMWQEVGKAMYAPPIQGQIKCSSNITGLLL
TRDGGVDTTKETFRPGGGNMKDNWRSELYKYKVVRIE
;
G
#
# COMPACT_ATOMS: atom_id res chain seq x y z
N GLN A 1 21.36 -5.56 2.62
CA GLN A 1 20.22 -6.09 3.43
C GLN A 1 19.34 -4.95 3.93
N VAL A 2 18.04 -5.21 3.99
CA VAL A 2 17.08 -4.17 4.33
C VAL A 2 17.14 -3.86 5.82
N GLN A 3 16.92 -2.59 6.16
CA GLN A 3 16.85 -2.15 7.55
C GLN A 3 15.90 -0.97 7.63
N LEU A 4 14.94 -1.06 8.55
CA LEU A 4 13.95 -0.02 8.78
C LEU A 4 13.86 0.23 10.28
N VAL A 5 14.08 1.48 10.69
CA VAL A 5 13.95 1.86 12.08
C VAL A 5 12.90 2.95 12.19
N GLU A 6 12.15 2.94 13.30
CA GLU A 6 11.10 3.91 13.56
C GLU A 6 11.45 4.74 14.78
N SER A 7 10.86 5.92 14.86
CA SER A 7 11.12 6.82 15.97
C SER A 7 9.93 7.77 16.13
N GLY A 8 9.90 8.45 17.28
CA GLY A 8 8.84 9.37 17.62
C GLY A 8 7.91 8.87 18.70
N GLY A 9 7.97 7.58 19.03
CA GLY A 9 7.04 7.01 19.99
C GLY A 9 7.35 7.41 21.42
N GLY A 10 6.30 7.43 22.24
CA GLY A 10 6.45 7.79 23.64
C GLY A 10 5.11 7.84 24.36
N LEU A 11 5.01 8.67 25.39
CA LEU A 11 3.78 8.87 26.13
C LEU A 11 3.30 10.31 25.91
N PHE A 12 2.02 10.45 25.58
CA PHE A 12 1.44 11.76 25.31
C PHE A 12 0.00 11.78 25.81
N GLN A 13 -0.36 12.83 26.55
CA GLN A 13 -1.72 12.96 27.02
C GLN A 13 -2.66 13.24 25.84
N PRO A 14 -3.92 12.82 25.93
CA PRO A 14 -4.82 12.92 24.78
C PRO A 14 -4.99 14.36 24.32
N GLY A 15 -5.37 14.50 23.04
CA GLY A 15 -5.53 15.81 22.42
C GLY A 15 -4.29 16.36 21.79
N ARG A 16 -3.10 15.93 22.23
CA ARG A 16 -1.85 16.42 21.68
C ARG A 16 -1.67 15.88 20.25
N SER A 17 -0.53 16.21 19.66
CA SER A 17 -0.16 15.75 18.33
C SER A 17 1.23 15.12 18.40
N LEU A 18 1.70 14.63 17.26
CA LEU A 18 2.91 13.80 17.25
C LEU A 18 3.37 13.61 15.81
N ARG A 19 4.63 13.20 15.68
CA ARG A 19 5.25 12.91 14.40
C ARG A 19 6.15 11.70 14.55
N LEU A 20 5.95 10.70 13.70
CA LEU A 20 6.75 9.48 13.71
C LEU A 20 7.58 9.42 12.43
N SER A 21 8.85 9.03 12.58
CA SER A 21 9.77 8.93 11.46
C SER A 21 10.17 7.47 11.27
N CYS A 22 10.67 7.16 10.07
CA CYS A 22 11.11 5.81 9.76
C CYS A 22 12.26 5.92 8.76
N VAL A 23 13.49 5.71 9.25
CA VAL A 23 14.67 5.70 8.38
C VAL A 23 14.80 4.31 7.77
N ALA A 24 15.22 4.29 6.51
CA ALA A 24 15.37 3.06 5.75
C ALA A 24 16.77 2.98 5.18
N SER A 25 17.19 1.75 4.85
CA SER A 25 18.48 1.53 4.22
C SER A 25 18.50 0.11 3.66
N GLY A 26 19.35 -0.09 2.65
CA GLY A 26 19.51 -1.39 2.06
C GLY A 26 18.63 -1.68 0.87
N PHE A 27 17.91 -0.68 0.34
CA PHE A 27 17.12 -0.88 -0.87
C PHE A 27 16.84 0.48 -1.49
N SER A 28 16.46 0.45 -2.76
CA SER A 28 16.15 1.67 -3.52
C SER A 28 14.89 2.30 -2.91
N PHE A 29 15.10 3.10 -1.86
CA PHE A 29 14.00 3.80 -1.22
C PHE A 29 13.22 4.62 -2.22
N ASN A 30 13.91 5.29 -3.14
CA ASN A 30 13.26 6.17 -4.11
C ASN A 30 12.33 5.43 -5.06
N GLU A 31 12.41 4.10 -5.12
CA GLU A 31 11.65 3.32 -6.09
C GLU A 31 10.57 2.47 -5.43
N LYS A 32 10.29 2.67 -4.15
CA LYS A 32 9.38 1.83 -3.41
C LYS A 32 8.33 2.67 -2.69
N ALA A 33 7.16 2.08 -2.50
CA ALA A 33 6.10 2.66 -1.70
C ALA A 33 6.22 2.15 -0.27
N MET A 34 5.60 2.87 0.66
CA MET A 34 5.74 2.53 2.08
C MET A 34 4.37 2.50 2.75
N HIS A 35 4.23 1.57 3.70
CA HIS A 35 3.02 1.39 4.47
C HIS A 35 3.30 1.63 5.95
N TRP A 36 2.37 2.33 6.60
CA TRP A 36 2.35 2.41 8.05
C TRP A 36 1.28 1.46 8.58
N VAL A 37 1.65 0.65 9.57
CA VAL A 37 0.75 -0.34 10.16
C VAL A 37 0.77 -0.14 11.67
N ARG A 38 -0.29 -0.62 12.32
CA ARG A 38 -0.48 -0.40 13.75
C ARG A 38 -0.98 -1.68 14.40
N GLN A 39 -0.58 -1.89 15.65
CA GLN A 39 -0.97 -3.10 16.38
C GLN A 39 -1.09 -2.76 17.86
N ALA A 40 -2.33 -2.77 18.37
CA ALA A 40 -2.54 -2.53 19.78
C ALA A 40 -1.94 -3.67 20.60
N PRO A 41 -1.71 -3.45 21.90
CA PRO A 41 -1.07 -4.49 22.73
C PRO A 41 -1.80 -5.82 22.65
N GLY A 42 -1.11 -6.84 22.14
CA GLY A 42 -1.69 -8.17 22.07
C GLY A 42 -2.89 -8.28 21.16
N LYS A 43 -3.02 -7.40 20.19
CA LYS A 43 -4.13 -7.41 19.25
C LYS A 43 -3.62 -7.66 17.83
N GLY A 44 -4.56 -7.87 16.91
CA GLY A 44 -4.20 -8.09 15.53
C GLY A 44 -3.66 -6.83 14.88
N LEU A 45 -2.93 -7.04 13.78
CA LEU A 45 -2.37 -5.93 13.03
C LEU A 45 -3.47 -5.12 12.36
N GLU A 46 -3.24 -3.81 12.24
CA GLU A 46 -4.21 -2.91 11.61
C GLU A 46 -3.46 -1.98 10.67
N TRP A 47 -3.84 -1.98 9.40
CA TRP A 47 -3.20 -1.11 8.42
C TRP A 47 -3.57 0.35 8.68
N VAL A 48 -2.59 1.24 8.50
CA VAL A 48 -2.78 2.67 8.76
C VAL A 48 -2.74 3.46 7.45
N ALA A 49 -1.62 3.41 6.72
CA ALA A 49 -1.47 4.30 5.58
C ALA A 49 -0.56 3.66 4.54
N ILE A 50 -0.60 4.24 3.34
CA ILE A 50 0.31 3.92 2.25
C ILE A 50 0.65 5.21 1.52
N ILE A 51 1.88 5.27 1.00
CA ILE A 51 2.33 6.40 0.20
C ILE A 51 3.24 5.88 -0.91
N TRP A 52 3.11 6.48 -2.09
CA TRP A 52 3.86 6.09 -3.28
C TRP A 52 5.30 6.58 -3.21
N TYR A 53 6.14 6.00 -4.07
CA TYR A 53 7.53 6.42 -4.16
C TYR A 53 7.62 7.90 -4.52
N ASN A 54 6.84 8.33 -5.51
CA ASN A 54 6.83 9.73 -5.93
C ASN A 54 6.00 10.62 -5.02
N SER A 55 5.19 10.04 -4.13
CA SER A 55 4.35 10.74 -3.15
C SER A 55 3.08 11.30 -3.78
N ILE A 56 2.88 11.15 -5.09
CA ILE A 56 1.70 11.74 -5.72
C ILE A 56 0.42 11.17 -5.12
N HIS A 57 0.46 9.91 -4.68
CA HIS A 57 -0.70 9.25 -4.10
C HIS A 57 -0.38 8.76 -2.71
N LYS A 58 -1.44 8.59 -1.92
CA LYS A 58 -1.32 8.11 -0.54
C LYS A 58 -2.71 7.96 0.05
N ASN A 59 -2.93 6.91 0.84
CA ASN A 59 -4.25 6.60 1.34
C ASN A 59 -4.16 6.18 2.80
N TYR A 60 -5.20 6.53 3.56
CA TYR A 60 -5.29 6.20 4.98
C TYR A 60 -6.48 5.28 5.23
N ALA A 61 -6.39 4.53 6.32
CA ALA A 61 -7.53 3.78 6.79
C ALA A 61 -8.66 4.72 7.18
N ASP A 62 -9.90 4.26 7.02
CA ASP A 62 -11.04 5.07 7.42
C ASP A 62 -11.05 5.35 8.91
N SER A 63 -10.26 4.62 9.69
CA SER A 63 -10.23 4.81 11.13
C SER A 63 -9.53 6.12 11.51
N VAL A 64 -8.35 6.35 10.92
CA VAL A 64 -7.54 7.52 11.28
C VAL A 64 -7.65 8.64 10.26
N LYS A 65 -8.57 8.53 9.31
CA LYS A 65 -8.73 9.56 8.30
C LYS A 65 -9.05 10.90 8.95
N GLY A 66 -8.47 11.97 8.41
CA GLY A 66 -8.70 13.30 8.90
C GLY A 66 -7.81 13.73 10.05
N ARG A 67 -7.10 12.79 10.69
CA ARG A 67 -6.13 13.11 11.73
C ARG A 67 -4.70 12.78 11.34
N PHE A 68 -4.50 11.65 10.66
CA PHE A 68 -3.16 11.22 10.26
C PHE A 68 -2.83 11.78 8.90
N THR A 69 -1.58 12.21 8.74
CA THR A 69 -1.04 12.70 7.48
C THR A 69 0.30 12.03 7.23
N ILE A 70 0.39 11.27 6.14
CA ILE A 70 1.61 10.52 5.82
C ILE A 70 2.47 11.38 4.91
N SER A 71 3.78 11.34 5.15
CA SER A 71 4.74 12.10 4.36
C SER A 71 5.97 11.23 4.10
N ARG A 72 6.91 11.75 3.33
CA ARG A 72 8.16 11.05 3.07
C ARG A 72 9.16 12.03 2.49
N ASP A 73 10.38 11.53 2.26
CA ASP A 73 11.49 12.35 1.79
C ASP A 73 12.56 11.41 1.28
N ASN A 74 12.73 11.35 -0.03
CA ASN A 74 13.70 10.44 -0.64
C ASN A 74 15.13 10.95 -0.50
N SER A 75 15.32 12.26 -0.47
CA SER A 75 16.66 12.82 -0.30
C SER A 75 17.26 12.46 1.05
N LYS A 76 16.42 12.00 2.00
CA LYS A 76 16.89 11.53 3.29
C LYS A 76 16.51 10.08 3.56
N ASN A 77 15.81 9.42 2.65
CA ASN A 77 15.34 8.05 2.86
C ASN A 77 14.56 7.95 4.16
N THR A 78 13.55 8.80 4.30
CA THR A 78 12.79 8.88 5.54
C THR A 78 11.30 8.91 5.25
N LEU A 79 10.55 8.15 6.05
CA LEU A 79 9.09 8.13 5.99
C LEU A 79 8.54 8.84 7.22
N TYR A 80 7.36 9.43 7.08
CA TYR A 80 6.78 10.24 8.15
C TYR A 80 5.30 9.93 8.33
N LEU A 81 4.82 10.08 9.55
CA LEU A 81 3.41 9.91 9.89
C LEU A 81 3.07 10.87 11.01
N GLN A 82 2.27 11.89 10.71
CA GLN A 82 1.88 12.89 11.68
C GLN A 82 0.47 12.60 12.19
N MET A 83 0.30 12.73 13.51
CA MET A 83 -0.96 12.43 14.19
C MET A 83 -1.40 13.69 14.94
N ASN A 84 -2.46 14.32 14.45
CA ASN A 84 -2.86 15.62 14.98
C ASN A 84 -3.54 15.51 16.34
N SER A 85 -4.66 14.80 16.41
CA SER A 85 -5.42 14.65 17.65
C SER A 85 -5.24 13.22 18.15
N LEU A 86 -4.55 13.07 19.28
CA LEU A 86 -4.23 11.74 19.80
C LEU A 86 -5.40 11.20 20.61
N ARG A 87 -5.89 10.04 20.23
CA ARG A 87 -6.94 9.33 20.94
C ARG A 87 -6.35 8.21 21.77
N ALA A 88 -7.06 7.83 22.83
CA ALA A 88 -6.62 6.73 23.67
C ALA A 88 -6.37 5.48 22.85
N ASP A 89 -7.31 5.14 21.95
CA ASP A 89 -7.18 3.92 21.16
C ASP A 89 -6.00 3.97 20.20
N ASP A 90 -5.47 5.16 19.92
CA ASP A 90 -4.26 5.25 19.11
C ASP A 90 -3.05 4.63 19.80
N THR A 91 -3.16 4.31 21.08
CA THR A 91 -2.08 3.61 21.76
C THR A 91 -1.85 2.25 21.11
N ALA A 92 -0.62 2.02 20.65
CA ALA A 92 -0.30 0.81 19.90
C ALA A 92 1.15 0.91 19.43
N VAL A 93 1.67 -0.21 18.94
CA VAL A 93 2.98 -0.24 18.30
C VAL A 93 2.80 0.08 16.83
N TYR A 94 3.63 0.98 16.32
CA TYR A 94 3.52 1.50 14.95
C TYR A 94 4.68 0.95 14.13
N TYR A 95 4.37 0.01 13.25
CA TYR A 95 5.36 -0.57 12.34
C TYR A 95 5.40 0.20 11.03
N CYS A 96 6.59 0.23 10.44
CA CYS A 96 6.84 0.90 9.16
C CYS A 96 7.40 -0.15 8.20
N ALA A 97 6.63 -0.46 7.17
CA ALA A 97 7.00 -1.53 6.23
C ALA A 97 7.13 -0.95 4.83
N ASN A 98 7.93 -1.63 4.00
CA ASN A 98 8.09 -1.23 2.62
C ASN A 98 7.09 -1.97 1.74
N ALA A 99 7.07 -1.58 0.46
CA ALA A 99 6.15 -2.15 -0.51
C ALA A 99 6.91 -3.04 -1.50
N GLY A 100 6.16 -3.94 -2.13
CA GLY A 100 6.74 -4.75 -3.18
C GLY A 100 7.20 -3.91 -4.37
N GLY A 101 6.42 -2.90 -4.72
CA GLY A 101 6.75 -1.96 -5.78
C GLY A 101 6.65 -0.54 -5.27
N GLY A 102 6.10 0.34 -6.11
CA GLY A 102 5.99 1.74 -5.77
C GLY A 102 4.59 2.30 -5.93
N LYS A 103 3.61 1.45 -6.22
CA LYS A 103 2.23 1.91 -6.43
C LYS A 103 1.28 0.81 -5.94
N TYR A 104 0.78 0.96 -4.72
CA TYR A 104 -0.25 0.07 -4.19
C TYR A 104 0.18 -1.39 -4.31
N ASP A 105 1.18 -1.74 -3.52
CA ASP A 105 1.76 -3.09 -3.55
C ASP A 105 1.90 -3.64 -2.15
N TYR A 106 1.98 -4.97 -2.08
CA TYR A 106 1.98 -5.70 -0.81
C TYR A 106 3.06 -5.19 0.14
N LEU A 107 2.95 -5.56 1.41
CA LEU A 107 3.90 -5.15 2.44
C LEU A 107 4.96 -6.23 2.58
N ASP A 108 6.19 -5.94 2.15
CA ASP A 108 7.25 -6.94 2.09
C ASP A 108 8.05 -7.02 3.39
N VAL A 109 8.93 -6.05 3.62
CA VAL A 109 9.81 -6.06 4.79
C VAL A 109 9.23 -5.15 5.85
N TRP A 110 9.25 -5.61 7.10
CA TRP A 110 8.78 -4.86 8.24
C TRP A 110 9.95 -4.48 9.14
N GLY A 111 9.92 -3.25 9.64
CA GLY A 111 10.85 -2.80 10.66
C GLY A 111 10.16 -2.71 12.00
N ARG A 112 10.80 -3.26 13.03
CA ARG A 112 10.23 -3.27 14.37
C ARG A 112 9.76 -1.88 14.76
N GLY A 113 8.45 -1.73 14.93
CA GLY A 113 7.84 -0.42 15.09
C GLY A 113 8.26 0.28 16.38
N THR A 114 7.52 1.34 16.69
CA THR A 114 7.76 2.13 17.89
C THR A 114 6.46 2.26 18.67
N THR A 115 6.55 2.13 19.98
CA THR A 115 5.37 2.14 20.84
C THR A 115 4.89 3.56 21.08
N VAL A 116 3.61 3.80 20.82
CA VAL A 116 2.94 5.06 21.14
C VAL A 116 1.91 4.78 22.22
N THR A 117 2.01 5.51 23.34
CA THR A 117 1.09 5.35 24.46
C THR A 117 0.36 6.67 24.67
N VAL A 118 -0.97 6.59 24.77
CA VAL A 118 -1.82 7.75 25.01
C VAL A 118 -2.57 7.50 26.31
N SER A 119 -2.39 8.38 27.29
CA SER A 119 -2.97 8.19 28.60
C SER A 119 -3.22 9.55 29.24
N SER A 120 -4.37 9.69 29.92
CA SER A 120 -4.76 10.95 30.51
C SER A 120 -4.02 11.26 31.80
N ALA A 121 -3.38 10.27 32.42
CA ALA A 121 -2.64 10.49 33.66
C ALA A 121 -3.51 11.18 34.71
N SER A 122 -4.75 10.70 34.86
CA SER A 122 -5.74 11.30 35.74
C SER A 122 -6.36 10.22 36.61
N THR A 123 -6.07 10.26 37.90
CA THR A 123 -6.56 9.24 38.83
C THR A 123 -8.09 9.26 38.88
N LYS A 124 -8.67 8.08 39.12
CA LYS A 124 -10.11 7.95 39.24
C LYS A 124 -10.43 6.64 39.93
N GLY A 125 -11.28 6.71 40.96
CA GLY A 125 -11.62 5.54 41.74
C GLY A 125 -12.62 4.63 41.03
N PRO A 126 -12.57 3.33 41.32
CA PRO A 126 -13.41 2.38 40.59
C PRO A 126 -14.88 2.45 41.03
N SER A 127 -15.72 1.83 40.21
CA SER A 127 -17.15 1.68 40.50
C SER A 127 -17.49 0.21 40.33
N VAL A 128 -17.65 -0.49 41.45
CA VAL A 128 -17.95 -1.92 41.42
C VAL A 128 -19.44 -2.11 41.19
N PHE A 129 -19.77 -3.12 40.38
CA PHE A 129 -21.14 -3.52 40.14
C PHE A 129 -21.27 -5.02 40.33
N PRO A 130 -22.47 -5.52 40.66
CA PRO A 130 -22.61 -6.94 40.96
C PRO A 130 -23.06 -7.78 39.78
N LEU A 131 -22.50 -8.99 39.66
CA LEU A 131 -22.85 -9.95 38.62
C LEU A 131 -23.43 -11.17 39.32
N ALA A 132 -24.76 -11.24 39.39
CA ALA A 132 -25.43 -12.24 40.19
C ALA A 132 -25.84 -13.44 39.35
N PRO A 133 -26.10 -14.59 39.98
CA PRO A 133 -26.43 -15.79 39.21
C PRO A 133 -27.84 -15.75 38.64
N SER A 134 -28.03 -16.55 37.59
CA SER A 134 -29.31 -16.69 36.92
C SER A 134 -29.45 -18.14 36.47
N SER A 135 -30.51 -18.42 35.70
CA SER A 135 -30.77 -19.79 35.25
C SER A 135 -29.63 -20.30 34.36
N LYS A 136 -29.36 -19.57 33.27
CA LYS A 136 -28.33 -20.02 32.33
C LYS A 136 -26.95 -20.01 32.97
N SER A 137 -26.67 -19.02 33.83
CA SER A 137 -25.39 -18.97 34.51
C SER A 137 -25.11 -20.23 35.32
N THR A 138 -26.12 -21.05 35.58
CA THR A 138 -25.96 -22.30 36.29
C THR A 138 -25.59 -23.39 35.29
N SER A 139 -24.43 -24.00 35.49
CA SER A 139 -23.96 -25.10 34.63
C SER A 139 -24.16 -26.40 35.39
N GLY A 140 -25.42 -26.85 35.42
CA GLY A 140 -25.73 -28.08 36.12
C GLY A 140 -25.73 -27.85 37.63
N GLY A 141 -24.97 -28.67 38.34
CA GLY A 141 -24.89 -28.59 39.77
C GLY A 141 -24.04 -27.46 40.31
N THR A 142 -23.61 -26.53 39.45
CA THR A 142 -22.77 -25.42 39.87
C THR A 142 -23.21 -24.16 39.13
N ALA A 143 -23.01 -23.01 39.77
CA ALA A 143 -23.34 -21.72 39.19
C ALA A 143 -22.14 -20.79 39.34
N ALA A 144 -22.22 -19.64 38.69
CA ALA A 144 -21.11 -18.69 38.64
C ALA A 144 -21.62 -17.29 38.95
N LEU A 145 -20.86 -16.57 39.78
CA LEU A 145 -21.16 -15.17 40.08
C LEU A 145 -19.87 -14.37 39.99
N GLY A 146 -19.97 -13.06 40.15
CA GLY A 146 -18.78 -12.23 40.10
C GLY A 146 -19.10 -10.78 40.37
N CYS A 147 -18.07 -9.95 40.24
CA CYS A 147 -18.18 -8.51 40.36
C CYS A 147 -17.47 -7.85 39.18
N LEU A 148 -17.83 -6.59 38.93
CA LEU A 148 -17.34 -5.84 37.78
C LEU A 148 -16.79 -4.50 38.25
N VAL A 149 -15.47 -4.39 38.30
CA VAL A 149 -14.80 -3.12 38.56
C VAL A 149 -14.81 -2.29 37.28
N LYS A 150 -15.07 -1.00 37.41
CA LYS A 150 -15.37 -0.17 36.25
C LYS A 150 -14.74 1.20 36.36
N ASP A 151 -14.08 1.64 35.28
CA ASP A 151 -13.64 3.02 35.11
C ASP A 151 -12.72 3.45 36.26
N TYR A 152 -11.54 2.84 36.28
CA TYR A 152 -10.50 3.17 37.25
C TYR A 152 -9.20 3.42 36.53
N PHE A 153 -8.39 4.30 37.11
CA PHE A 153 -7.10 4.64 36.54
C PHE A 153 -6.17 5.17 37.64
N PRO A 154 -4.88 4.76 37.63
CA PRO A 154 -4.19 3.79 36.78
C PRO A 154 -3.99 2.42 37.42
N GLU A 155 -4.13 1.37 36.62
CA GLU A 155 -4.04 -0.01 37.08
C GLU A 155 -2.79 -0.27 37.92
N PRO A 156 -2.76 -1.41 38.65
CA PRO A 156 -3.79 -2.45 38.76
C PRO A 156 -4.55 -2.46 40.08
N VAL A 157 -5.72 -3.09 40.04
CA VAL A 157 -6.54 -3.35 41.22
C VAL A 157 -6.28 -4.79 41.64
N THR A 158 -6.44 -5.06 42.92
CA THR A 158 -6.52 -6.43 43.40
C THR A 158 -7.97 -6.76 43.72
N VAL A 159 -8.30 -8.05 43.67
CA VAL A 159 -9.65 -8.50 43.97
C VAL A 159 -9.60 -9.86 44.66
N SER A 160 -10.20 -9.95 45.83
CA SER A 160 -10.35 -11.20 46.56
C SER A 160 -11.82 -11.43 46.84
N TRP A 161 -12.12 -12.57 47.46
CA TRP A 161 -13.50 -12.93 47.80
C TRP A 161 -13.56 -13.32 49.26
N ASN A 162 -14.53 -12.76 49.98
CA ASN A 162 -14.66 -13.00 51.41
C ASN A 162 -13.34 -12.71 52.14
N SER A 163 -12.69 -11.62 51.74
CA SER A 163 -11.42 -11.21 52.31
C SER A 163 -10.36 -12.30 52.12
N GLY A 164 -10.32 -12.86 50.90
CA GLY A 164 -9.37 -13.90 50.59
C GLY A 164 -9.69 -15.26 51.16
N ALA A 165 -10.82 -15.41 51.85
CA ALA A 165 -11.20 -16.71 52.38
C ALA A 165 -11.66 -17.66 51.29
N LEU A 166 -12.09 -17.13 50.13
CA LEU A 166 -12.52 -17.95 49.01
C LEU A 166 -11.45 -17.89 47.94
N THR A 167 -10.88 -19.06 47.61
CA THR A 167 -9.84 -19.15 46.60
C THR A 167 -10.01 -20.31 45.63
N SER A 168 -10.92 -21.24 45.89
CA SER A 168 -11.20 -22.33 44.97
C SER A 168 -12.22 -21.87 43.93
N GLY A 169 -11.92 -22.12 42.66
CA GLY A 169 -12.80 -21.74 41.57
C GLY A 169 -12.79 -20.28 41.20
N VAL A 170 -12.25 -19.41 42.05
CA VAL A 170 -12.17 -17.99 41.72
C VAL A 170 -11.15 -17.79 40.60
N HIS A 171 -11.46 -16.87 39.69
CA HIS A 171 -10.55 -16.55 38.60
C HIS A 171 -10.83 -15.13 38.14
N THR A 172 -9.76 -14.35 37.97
CA THR A 172 -9.85 -12.96 37.53
C THR A 172 -9.29 -12.85 36.13
N PHE A 173 -9.85 -11.91 35.36
CA PHE A 173 -9.50 -11.70 33.97
C PHE A 173 -8.56 -10.52 33.82
N PRO A 174 -7.95 -10.35 32.66
CA PRO A 174 -7.17 -9.14 32.41
C PRO A 174 -8.07 -7.94 32.16
N ALA A 175 -7.49 -6.75 32.32
CA ALA A 175 -8.24 -5.52 32.15
C ALA A 175 -8.29 -5.11 30.69
N VAL A 176 -9.31 -4.32 30.36
CA VAL A 176 -9.43 -3.70 29.04
C VAL A 176 -9.17 -2.21 29.21
N LEU A 177 -8.75 -1.59 28.10
CA LEU A 177 -8.58 -0.15 28.03
C LEU A 177 -9.73 0.40 27.18
N GLN A 178 -10.83 0.73 27.84
CA GLN A 178 -12.00 1.24 27.12
C GLN A 178 -11.65 2.54 26.40
N SER A 179 -12.50 2.88 25.42
CA SER A 179 -12.29 4.11 24.65
C SER A 179 -12.29 5.34 25.56
N SER A 180 -13.01 5.27 26.68
CA SER A 180 -13.01 6.39 27.62
C SER A 180 -11.62 6.73 28.13
N GLY A 181 -10.67 5.81 28.01
CA GLY A 181 -9.33 6.00 28.52
C GLY A 181 -9.04 5.35 29.84
N LEU A 182 -10.04 4.73 30.47
CA LEU A 182 -9.89 4.09 31.76
C LEU A 182 -9.91 2.57 31.59
N TYR A 183 -9.83 1.85 32.71
CA TYR A 183 -9.75 0.40 32.71
C TYR A 183 -10.97 -0.21 33.37
N SER A 184 -11.45 -1.32 32.82
CA SER A 184 -12.54 -2.09 33.40
C SER A 184 -12.08 -3.53 33.58
N LEU A 185 -12.39 -4.09 34.75
CA LEU A 185 -11.98 -5.44 35.11
C LEU A 185 -13.20 -6.21 35.59
N SER A 186 -13.13 -7.54 35.47
CA SER A 186 -14.22 -8.41 35.91
C SER A 186 -13.64 -9.62 36.63
N SER A 187 -14.20 -9.94 37.79
CA SER A 187 -13.78 -11.09 38.58
C SER A 187 -14.98 -12.02 38.79
N VAL A 188 -14.69 -13.32 38.92
CA VAL A 188 -15.74 -14.33 38.96
C VAL A 188 -15.28 -15.49 39.82
N VAL A 189 -16.25 -16.16 40.44
CA VAL A 189 -16.04 -17.42 41.14
C VAL A 189 -17.22 -18.33 40.87
N THR A 190 -16.94 -19.63 40.79
CA THR A 190 -17.97 -20.64 40.61
C THR A 190 -18.18 -21.37 41.94
N VAL A 191 -19.45 -21.56 42.30
CA VAL A 191 -19.80 -22.16 43.58
C VAL A 191 -20.91 -23.18 43.35
N PRO A 192 -21.10 -24.10 44.30
CA PRO A 192 -22.21 -25.05 44.18
C PRO A 192 -23.55 -24.33 44.06
N SER A 193 -24.43 -24.86 43.21
CA SER A 193 -25.73 -24.26 42.99
C SER A 193 -26.56 -24.22 44.27
N SER A 194 -26.29 -25.09 45.24
CA SER A 194 -27.08 -25.13 46.46
C SER A 194 -26.82 -23.90 47.33
N SER A 195 -25.55 -23.61 47.60
CA SER A 195 -25.18 -22.55 48.53
C SER A 195 -25.52 -21.14 48.05
N LEU A 196 -26.32 -20.95 47.00
CA LEU A 196 -26.57 -19.60 46.50
C LEU A 196 -27.35 -18.76 47.50
N GLY A 197 -28.36 -19.34 48.13
CA GLY A 197 -29.19 -18.62 49.08
C GLY A 197 -28.88 -18.87 50.53
N THR A 198 -27.75 -19.50 50.84
CA THR A 198 -27.38 -19.83 52.22
C THR A 198 -26.12 -19.12 52.68
N GLN A 199 -25.04 -19.21 51.90
CA GLN A 199 -23.79 -18.56 52.24
C GLN A 199 -23.71 -17.19 51.57
N THR A 200 -23.04 -16.26 52.25
CA THR A 200 -22.84 -14.92 51.73
C THR A 200 -21.55 -14.85 50.93
N TYR A 201 -21.55 -14.02 49.89
CA TYR A 201 -20.38 -13.82 49.04
C TYR A 201 -20.14 -12.32 48.89
N ILE A 202 -18.96 -11.88 49.33
CA ILE A 202 -18.59 -10.47 49.27
C ILE A 202 -17.33 -10.35 48.42
N CYS A 203 -17.37 -9.46 47.44
CA CYS A 203 -16.27 -9.22 46.52
C CYS A 203 -15.45 -8.04 47.03
N ASN A 204 -14.17 -8.29 47.32
CA ASN A 204 -13.26 -7.27 47.85
C ASN A 204 -12.38 -6.76 46.72
N VAL A 205 -12.23 -5.44 46.66
CA VAL A 205 -11.47 -4.76 45.61
C VAL A 205 -10.56 -3.74 46.27
N ASN A 206 -9.33 -3.63 45.75
CA ASN A 206 -8.34 -2.71 46.30
C ASN A 206 -7.66 -1.96 45.17
N HIS A 207 -7.95 -0.66 45.06
CA HIS A 207 -7.33 0.24 44.10
C HIS A 207 -6.44 1.19 44.90
N LYS A 208 -5.17 0.82 45.02
CA LYS A 208 -4.23 1.53 45.90
C LYS A 208 -3.82 2.88 45.32
N PRO A 209 -3.71 3.03 44.00
CA PRO A 209 -3.37 4.35 43.45
C PRO A 209 -4.27 5.47 43.95
N SER A 210 -5.57 5.20 44.07
CA SER A 210 -6.52 6.16 44.62
C SER A 210 -6.73 5.97 46.13
N ASN A 211 -6.10 4.94 46.71
CA ASN A 211 -6.31 4.60 48.13
C ASN A 211 -7.79 4.32 48.40
N THR A 212 -8.36 3.41 47.63
CA THR A 212 -9.76 3.04 47.79
C THR A 212 -9.87 1.52 47.91
N LYS A 213 -10.82 1.07 48.72
CA LYS A 213 -11.15 -0.35 48.85
C LYS A 213 -12.66 -0.48 48.82
N VAL A 214 -13.17 -1.35 47.96
CA VAL A 214 -14.60 -1.49 47.71
C VAL A 214 -15.01 -2.91 48.03
N ASP A 215 -15.90 -3.07 49.00
CA ASP A 215 -16.53 -4.35 49.29
C ASP A 215 -17.95 -4.33 48.72
N LYS A 216 -18.30 -5.38 47.97
CA LYS A 216 -19.59 -5.43 47.27
C LYS A 216 -20.17 -6.83 47.43
N LYS A 217 -21.25 -6.95 48.19
CA LYS A 217 -21.92 -8.23 48.37
C LYS A 217 -22.73 -8.55 47.11
N VAL A 218 -22.56 -9.77 46.61
CA VAL A 218 -23.26 -10.24 45.42
C VAL A 218 -24.47 -11.04 45.88
N GLU A 219 -25.67 -10.48 45.67
CA GLU A 219 -26.92 -11.13 46.04
C GLU A 219 -27.63 -11.67 44.81
N PRO A 220 -28.29 -12.82 44.90
CA PRO A 220 -29.09 -13.30 43.77
C PRO A 220 -30.24 -12.35 43.45
N LYS A 221 -30.79 -12.52 42.26
CA LYS A 221 -31.91 -11.69 41.81
C LYS A 221 -33.23 -12.18 42.39
N SER A 222 -34.21 -11.28 42.42
CA SER A 222 -35.47 -11.56 43.11
C SER A 222 -36.20 -12.74 42.47
N CYS A 223 -36.04 -12.94 41.17
CA CYS A 223 -36.74 -14.02 40.48
C CYS A 223 -36.23 -15.38 40.93
N TYR B 2 -13.64 -6.29 1.49
CA TYR B 2 -14.04 -5.62 2.72
C TYR B 2 -13.42 -6.31 3.93
N GLU B 3 -13.96 -7.47 4.28
CA GLU B 3 -13.53 -8.23 5.46
C GLU B 3 -12.84 -9.52 5.03
N LEU B 4 -11.81 -9.90 5.79
CA LEU B 4 -11.10 -11.16 5.59
C LEU B 4 -11.24 -11.98 6.87
N THR B 5 -11.95 -13.10 6.78
CA THR B 5 -12.26 -13.93 7.94
C THR B 5 -11.41 -15.20 7.88
N GLN B 6 -10.64 -15.44 8.92
CA GLN B 6 -9.80 -16.63 9.02
C GLN B 6 -9.94 -17.21 10.42
N PRO B 7 -9.75 -18.52 10.58
CA PRO B 7 -10.01 -19.15 11.88
C PRO B 7 -9.17 -18.49 12.96
N PRO B 8 -9.63 -18.53 14.22
CA PRO B 8 -8.87 -17.91 15.31
C PRO B 8 -7.70 -18.76 15.77
N SER B 9 -7.92 -20.07 15.89
CA SER B 9 -6.93 -20.98 16.45
C SER B 9 -6.81 -22.22 15.59
N VAL B 10 -5.59 -22.76 15.51
CA VAL B 10 -5.33 -24.02 14.81
C VAL B 10 -4.42 -24.86 15.72
N SER B 11 -5.00 -25.83 16.39
CA SER B 11 -4.22 -26.80 17.16
C SER B 11 -3.56 -27.80 16.22
N VAL B 12 -2.36 -28.23 16.58
CA VAL B 12 -1.59 -29.15 15.77
C VAL B 12 -0.71 -30.02 16.66
N SER B 13 -0.85 -31.33 16.53
CA SER B 13 0.15 -32.21 17.11
C SER B 13 1.39 -32.23 16.23
N PRO B 14 2.59 -32.25 16.80
CA PRO B 14 3.81 -32.08 15.98
C PRO B 14 3.85 -33.04 14.81
N GLY B 15 4.35 -32.54 13.68
CA GLY B 15 4.52 -33.33 12.48
C GLY B 15 3.35 -33.28 11.52
N GLN B 16 2.14 -33.03 12.03
CA GLN B 16 0.98 -32.98 11.17
C GLN B 16 1.04 -31.77 10.25
N THR B 17 0.21 -31.80 9.20
CA THR B 17 0.18 -30.74 8.20
C THR B 17 -0.90 -29.74 8.58
N ALA B 18 -0.49 -28.54 8.97
CA ALA B 18 -1.42 -27.50 9.37
C ALA B 18 -1.97 -26.77 8.16
N ARG B 19 -3.17 -26.21 8.31
CA ARG B 19 -3.83 -25.51 7.21
C ARG B 19 -4.64 -24.36 7.78
N ILE B 20 -4.50 -23.19 7.16
CA ILE B 20 -5.21 -21.98 7.56
C ILE B 20 -5.96 -21.45 6.34
N THR B 21 -7.14 -20.89 6.56
CA THR B 21 -7.98 -20.38 5.48
C THR B 21 -8.07 -18.87 5.55
N CYS B 22 -8.77 -18.29 4.57
CA CYS B 22 -8.94 -16.85 4.47
C CYS B 22 -10.02 -16.56 3.44
N SER B 23 -11.20 -16.12 3.87
CA SER B 23 -12.35 -15.95 3.01
C SER B 23 -12.71 -14.48 2.91
N GLY B 24 -12.87 -13.99 1.68
CA GLY B 24 -13.27 -12.62 1.43
C GLY B 24 -13.79 -12.45 0.03
N ASP B 25 -14.94 -11.80 -0.13
CA ASP B 25 -15.54 -11.63 -1.45
C ASP B 25 -14.60 -10.91 -2.41
N THR B 26 -13.66 -10.11 -1.90
CA THR B 26 -12.71 -9.45 -2.78
C THR B 26 -11.62 -10.39 -3.28
N LEU B 27 -11.46 -11.57 -2.66
CA LEU B 27 -10.49 -12.53 -3.15
C LEU B 27 -10.82 -13.06 -4.54
N SER B 28 -12.03 -12.80 -5.03
CA SER B 28 -12.39 -13.24 -6.37
C SER B 28 -11.49 -12.61 -7.43
N THR B 29 -11.22 -11.32 -7.31
CA THR B 29 -10.43 -10.57 -8.29
C THR B 29 -9.16 -9.98 -7.70
N LYS B 30 -8.80 -10.34 -6.46
CA LYS B 30 -7.62 -9.80 -5.80
C LYS B 30 -6.81 -10.94 -5.22
N TRP B 31 -5.49 -10.76 -5.20
CA TRP B 31 -4.60 -11.75 -4.63
C TRP B 31 -4.71 -11.77 -3.11
N SER B 32 -4.13 -12.81 -2.51
CA SER B 32 -4.02 -12.93 -1.06
C SER B 32 -2.54 -13.01 -0.70
N TYR B 33 -2.16 -12.35 0.40
CA TYR B 33 -0.77 -12.31 0.82
C TYR B 33 -0.69 -12.74 2.27
N TRP B 34 0.13 -13.75 2.55
CA TRP B 34 0.23 -14.30 3.90
C TRP B 34 1.41 -13.70 4.65
N CYS B 35 1.36 -13.84 5.97
CA CYS B 35 2.29 -13.14 6.86
C CYS B 35 2.41 -13.93 8.15
N GLN B 36 3.58 -13.84 8.77
CA GLN B 36 3.89 -14.57 10.00
C GLN B 36 4.52 -13.64 11.01
N GLN B 37 4.08 -13.76 12.26
CA GLN B 37 4.63 -12.97 13.36
C GLN B 37 4.84 -13.87 14.55
N LYS B 38 6.10 -13.99 14.99
CA LYS B 38 6.43 -14.76 16.18
C LYS B 38 6.40 -13.87 17.41
N SER B 39 6.38 -14.51 18.57
CA SER B 39 6.22 -13.80 19.84
C SER B 39 7.28 -12.71 19.99
N GLY B 40 6.82 -11.47 20.17
CA GLY B 40 7.74 -10.36 20.38
C GLY B 40 8.66 -10.09 19.21
N GLN B 41 8.23 -10.41 18.00
CA GLN B 41 9.02 -10.17 16.79
C GLN B 41 8.15 -9.52 15.73
N ALA B 42 8.78 -8.76 14.86
CA ALA B 42 8.04 -8.08 13.80
C ALA B 42 7.55 -9.10 12.78
N PRO B 43 6.38 -8.91 12.20
CA PRO B 43 5.87 -9.87 11.21
C PRO B 43 6.80 -10.00 10.01
N VAL B 44 6.59 -11.07 9.25
CA VAL B 44 7.48 -11.44 8.16
C VAL B 44 6.65 -12.07 7.05
N LEU B 45 6.99 -11.74 5.81
CA LEU B 45 6.30 -12.31 4.67
C LEU B 45 6.63 -13.79 4.52
N VAL B 46 5.66 -14.56 4.04
CA VAL B 46 5.84 -15.99 3.85
C VAL B 46 5.39 -16.40 2.46
N ILE B 47 4.30 -15.82 1.98
CA ILE B 47 3.75 -16.15 0.67
C ILE B 47 3.08 -14.92 0.10
N TYR B 48 3.28 -14.69 -1.19
CA TYR B 48 2.73 -13.51 -1.86
C TYR B 48 2.08 -13.92 -3.18
N GLU B 49 1.02 -13.21 -3.53
CA GLU B 49 0.26 -13.45 -4.76
C GLU B 49 -0.12 -14.93 -4.85
N GLY B 50 -0.81 -15.39 -3.80
CA GLY B 50 -1.27 -16.75 -3.74
C GLY B 50 -0.15 -17.77 -3.67
N ASN B 51 0.08 -18.48 -4.76
CA ASN B 51 1.03 -19.58 -4.77
C ASN B 51 2.45 -19.11 -4.50
N LYS B 52 2.91 -18.09 -5.23
CA LYS B 52 4.33 -17.78 -5.33
C LYS B 52 5.00 -17.71 -3.96
N ARG B 53 6.25 -18.14 -3.91
CA ARG B 53 7.05 -18.14 -2.70
C ARG B 53 8.36 -17.42 -2.95
N PHE B 54 8.87 -16.77 -1.91
CA PHE B 54 10.12 -15.99 -1.99
C PHE B 54 11.24 -16.86 -1.45
N SER B 55 11.90 -17.59 -2.35
CA SER B 55 13.04 -18.39 -1.97
C SER B 55 14.13 -17.46 -1.41
N GLY B 56 14.84 -17.87 -0.37
CA GLY B 56 14.74 -19.18 0.26
C GLY B 56 14.00 -19.17 1.59
N THR B 57 12.69 -19.40 1.55
CA THR B 57 11.93 -19.69 2.77
C THR B 57 11.39 -21.12 2.68
N PRO B 58 11.16 -21.76 3.83
CA PRO B 58 10.81 -23.19 3.82
C PRO B 58 9.72 -23.55 2.82
N ALA B 59 10.03 -24.47 1.89
CA ALA B 59 9.06 -24.87 0.89
C ALA B 59 7.81 -25.48 1.51
N LYS B 60 7.88 -25.90 2.79
CA LYS B 60 6.71 -26.45 3.45
C LYS B 60 5.57 -25.44 3.54
N PHE B 61 5.83 -24.16 3.27
CA PHE B 61 4.78 -23.15 3.21
C PHE B 61 4.26 -23.07 1.77
N SER B 62 3.04 -23.53 1.56
CA SER B 62 2.40 -23.48 0.25
C SER B 62 1.17 -22.60 0.32
N GLY B 63 0.82 -22.01 -0.81
CA GLY B 63 -0.35 -21.16 -0.91
C GLY B 63 -1.28 -21.61 -2.01
N PHE B 64 -2.51 -21.98 -1.65
CA PHE B 64 -3.51 -22.41 -2.63
C PHE B 64 -4.63 -21.37 -2.64
N HIS B 65 -4.52 -20.42 -3.57
CA HIS B 65 -5.52 -19.39 -3.74
C HIS B 65 -6.53 -19.86 -4.79
N SER B 66 -7.79 -19.96 -4.39
CA SER B 66 -8.83 -20.41 -5.31
C SER B 66 -10.18 -19.86 -4.88
N GLY B 67 -10.96 -19.42 -5.85
CA GLY B 67 -12.29 -18.89 -5.56
C GLY B 67 -12.20 -17.70 -4.62
N THR B 68 -12.93 -17.79 -3.51
CA THR B 68 -12.90 -16.77 -2.46
C THR B 68 -12.17 -17.27 -1.22
N MET B 69 -11.26 -18.24 -1.40
CA MET B 69 -10.55 -18.85 -0.27
C MET B 69 -9.10 -19.07 -0.65
N ALA B 70 -8.21 -18.49 0.15
CA ALA B 70 -6.77 -18.72 0.04
C ALA B 70 -6.32 -19.55 1.22
N THR B 71 -5.67 -20.68 0.96
CA THR B 71 -5.27 -21.62 1.99
C THR B 71 -3.77 -21.61 2.14
N LEU B 72 -3.29 -21.25 3.33
CA LEU B 72 -1.89 -21.39 3.69
C LEU B 72 -1.68 -22.78 4.29
N THR B 73 -0.87 -23.60 3.61
CA THR B 73 -0.58 -24.94 4.06
C THR B 73 0.84 -25.01 4.60
N ILE B 74 1.00 -25.71 5.72
CA ILE B 74 2.29 -25.90 6.37
C ILE B 74 2.52 -27.40 6.49
N SER B 75 3.44 -27.93 5.68
CA SER B 75 3.79 -29.34 5.76
C SER B 75 4.68 -29.58 6.97
N GLY B 76 4.37 -30.63 7.74
CA GLY B 76 5.17 -31.00 8.88
C GLY B 76 5.38 -29.86 9.85
N ALA B 77 4.32 -29.42 10.52
CA ALA B 77 4.44 -28.38 11.52
C ALA B 77 5.42 -28.81 12.61
N GLN B 78 6.18 -27.85 13.12
CA GLN B 78 7.14 -28.09 14.19
C GLN B 78 6.92 -27.07 15.30
N VAL B 79 7.62 -27.27 16.41
CA VAL B 79 7.49 -26.37 17.56
C VAL B 79 7.91 -24.96 17.18
N ASP B 80 8.81 -24.82 16.20
CA ASP B 80 9.25 -23.49 15.79
C ASP B 80 8.15 -22.74 15.05
N ASP B 81 7.32 -23.46 14.30
CA ASP B 81 6.34 -22.81 13.43
C ASP B 81 5.23 -22.11 14.20
N GLU B 82 5.06 -22.40 15.49
CA GLU B 82 3.97 -21.79 16.23
C GLU B 82 4.11 -20.28 16.23
N ALA B 83 3.03 -19.60 15.82
CA ALA B 83 3.08 -18.15 15.62
C ALA B 83 1.72 -17.62 15.23
N ASP B 84 1.63 -16.30 15.03
CA ASP B 84 0.38 -15.66 14.62
C ASP B 84 0.50 -15.25 13.15
N TYR B 85 -0.35 -15.84 12.32
CA TYR B 85 -0.34 -15.61 10.89
C TYR B 85 -1.46 -14.68 10.48
N TYR B 86 -1.25 -13.95 9.39
CA TYR B 86 -2.23 -12.98 8.90
C TYR B 86 -2.29 -13.01 7.38
N CYS B 87 -3.48 -13.21 6.84
CA CYS B 87 -3.73 -12.99 5.42
C CYS B 87 -4.21 -11.55 5.23
N PHE B 88 -3.55 -10.83 4.33
CA PHE B 88 -3.91 -9.45 4.02
C PHE B 88 -4.10 -9.31 2.52
N SER B 89 -4.90 -8.31 2.15
CA SER B 89 -5.27 -8.07 0.77
C SER B 89 -5.77 -6.62 0.67
N THR B 90 -6.56 -6.33 -0.35
CA THR B 90 -7.18 -5.03 -0.53
C THR B 90 -8.68 -5.20 -0.70
N ASP B 91 -9.37 -4.06 -0.73
CA ASP B 91 -10.80 -4.06 -1.02
C ASP B 91 -11.02 -4.07 -2.53
N SER B 92 -12.29 -4.04 -2.93
CA SER B 92 -12.61 -4.12 -4.35
C SER B 92 -11.91 -3.04 -5.16
N SER B 93 -11.63 -1.89 -4.54
CA SER B 93 -11.05 -0.78 -5.29
C SER B 93 -9.56 -0.95 -5.52
N GLY B 94 -8.87 -1.68 -4.64
CA GLY B 94 -7.43 -1.78 -4.70
C GLY B 94 -6.69 -0.63 -4.07
N GLN B 95 -7.40 0.32 -3.46
CA GLN B 95 -6.78 1.49 -2.86
C GLN B 95 -6.42 1.27 -1.39
N THR B 96 -7.15 0.41 -0.69
CA THR B 96 -6.97 0.21 0.75
C THR B 96 -6.56 -1.23 1.02
N TRP B 97 -5.72 -1.40 2.05
CA TRP B 97 -5.24 -2.70 2.46
C TRP B 97 -5.89 -3.09 3.79
N VAL B 98 -6.10 -4.40 3.97
CA VAL B 98 -6.79 -4.92 5.14
C VAL B 98 -6.19 -6.26 5.52
N PHE B 99 -6.12 -6.51 6.82
CA PHE B 99 -5.58 -7.74 7.37
C PHE B 99 -6.69 -8.66 7.85
N GLY B 100 -6.40 -9.95 7.86
CA GLY B 100 -7.30 -10.91 8.48
C GLY B 100 -7.29 -10.78 9.99
N GLY B 101 -8.18 -11.53 10.63
CA GLY B 101 -8.30 -11.49 12.08
C GLY B 101 -7.09 -12.06 12.80
N GLY B 102 -6.26 -12.84 12.12
CA GLY B 102 -5.11 -13.47 12.75
C GLY B 102 -5.42 -14.89 13.18
N THR B 103 -4.50 -15.81 12.87
CA THR B 103 -4.66 -17.23 13.21
C THR B 103 -3.49 -17.66 14.08
N LYS B 104 -3.78 -18.31 15.20
CA LYS B 104 -2.75 -18.69 16.16
C LYS B 104 -2.42 -20.16 15.95
N LEU B 105 -1.28 -20.42 15.32
CA LEU B 105 -0.76 -21.77 15.19
C LEU B 105 0.02 -22.13 16.44
N THR B 106 -0.37 -23.22 17.09
CA THR B 106 0.22 -23.63 18.36
C THR B 106 0.30 -25.15 18.45
N VAL B 107 1.43 -25.63 18.97
CA VAL B 107 1.61 -27.05 19.20
C VAL B 107 0.77 -27.48 20.40
N LEU B 108 0.21 -28.68 20.33
CA LEU B 108 -0.66 -29.18 21.39
C LEU B 108 0.19 -29.73 22.54
N ARG B 109 0.23 -28.99 23.65
CA ARG B 109 0.90 -29.44 24.86
C ARG B 109 -0.05 -30.05 25.87
N GLN B 110 -1.34 -29.78 25.75
CA GLN B 110 -2.36 -30.38 26.62
C GLN B 110 -3.61 -30.58 25.79
N PRO B 111 -4.58 -31.34 26.29
CA PRO B 111 -5.79 -31.61 25.51
C PRO B 111 -6.56 -30.34 25.20
N LYS B 112 -7.24 -30.34 24.05
CA LYS B 112 -8.07 -29.21 23.64
C LYS B 112 -9.27 -29.09 24.57
N ALA B 113 -9.48 -27.90 25.10
CA ALA B 113 -10.58 -27.60 26.00
C ALA B 113 -11.58 -26.71 25.30
N ALA B 114 -12.84 -27.13 25.28
CA ALA B 114 -13.87 -26.31 24.65
C ALA B 114 -14.26 -25.17 25.58
N PRO B 115 -14.40 -23.95 25.07
CA PRO B 115 -14.69 -22.81 25.96
C PRO B 115 -16.08 -22.89 26.56
N SER B 116 -16.16 -22.57 27.85
CA SER B 116 -17.44 -22.33 28.52
C SER B 116 -17.69 -20.83 28.54
N VAL B 117 -18.90 -20.43 28.16
CA VAL B 117 -19.27 -19.04 28.01
C VAL B 117 -20.37 -18.70 29.01
N THR B 118 -20.33 -17.48 29.53
CA THR B 118 -21.37 -17.00 30.44
C THR B 118 -21.56 -15.51 30.20
N LEU B 119 -22.79 -15.12 29.88
CA LEU B 119 -23.12 -13.74 29.54
C LEU B 119 -23.95 -13.14 30.66
N PHE B 120 -23.41 -12.11 31.32
CA PHE B 120 -24.11 -11.44 32.41
C PHE B 120 -24.72 -10.14 31.91
N PRO B 121 -26.02 -9.93 32.05
CA PRO B 121 -26.63 -8.68 31.58
C PRO B 121 -26.46 -7.57 32.60
N PRO B 122 -26.84 -6.35 32.24
CA PRO B 122 -26.63 -5.22 33.16
C PRO B 122 -27.25 -5.45 34.52
N SER B 123 -26.64 -4.84 35.53
CA SER B 123 -27.14 -4.90 36.90
C SER B 123 -28.11 -3.77 37.16
N SER B 124 -28.88 -3.90 38.24
CA SER B 124 -29.86 -2.87 38.59
C SER B 124 -29.18 -1.60 39.05
N GLU B 125 -28.13 -1.73 39.88
CA GLU B 125 -27.43 -0.55 40.38
C GLU B 125 -26.79 0.23 39.23
N GLU B 126 -26.13 -0.49 38.31
CA GLU B 126 -25.52 0.17 37.16
C GLU B 126 -26.54 0.96 36.37
N LEU B 127 -27.66 0.31 36.02
CA LEU B 127 -28.72 1.00 35.30
C LEU B 127 -29.18 2.24 36.05
N GLN B 128 -29.44 2.10 37.36
CA GLN B 128 -29.80 3.26 38.16
C GLN B 128 -28.71 4.32 38.17
N ALA B 129 -27.49 3.97 37.78
CA ALA B 129 -26.43 4.94 37.56
C ALA B 129 -26.41 5.49 36.14
N ASN B 130 -27.36 5.06 35.29
CA ASN B 130 -27.47 5.52 33.92
C ASN B 130 -26.34 4.98 33.05
N LYS B 131 -26.04 3.69 33.21
CA LYS B 131 -25.05 3.01 32.39
C LYS B 131 -25.44 1.55 32.29
N ALA B 132 -25.06 0.91 31.18
CA ALA B 132 -25.32 -0.52 31.02
C ALA B 132 -24.13 -1.18 30.35
N THR B 133 -23.81 -2.39 30.80
CA THR B 133 -22.75 -3.17 30.18
C THR B 133 -23.08 -4.65 30.29
N LEU B 134 -23.02 -5.34 29.15
CA LEU B 134 -23.09 -6.79 29.12
C LEU B 134 -21.68 -7.34 29.21
N VAL B 135 -21.49 -8.37 30.04
CA VAL B 135 -20.17 -8.93 30.30
C VAL B 135 -20.18 -10.38 29.84
N CYS B 136 -19.51 -10.65 28.73
CA CYS B 136 -19.31 -12.02 28.27
C CYS B 136 -17.99 -12.54 28.83
N LEU B 137 -18.03 -13.75 29.38
CA LEU B 137 -16.86 -14.34 30.02
C LEU B 137 -16.64 -15.75 29.48
N ILE B 138 -15.41 -16.02 29.05
CA ILE B 138 -15.04 -17.26 28.40
C ILE B 138 -13.94 -17.91 29.24
N SER B 139 -14.06 -19.20 29.49
CA SER B 139 -13.16 -19.86 30.43
C SER B 139 -12.91 -21.30 30.03
N ASP B 140 -11.73 -21.80 30.42
CA ASP B 140 -11.40 -23.23 30.35
C ASP B 140 -11.34 -23.70 28.90
N PHE B 141 -10.63 -22.95 28.06
CA PHE B 141 -10.45 -23.33 26.67
C PHE B 141 -8.98 -23.45 26.33
N TYR B 142 -8.69 -24.34 25.39
CA TYR B 142 -7.34 -24.57 24.92
C TYR B 142 -7.40 -25.12 23.49
N PRO B 143 -6.54 -24.63 22.59
CA PRO B 143 -5.55 -23.55 22.73
C PRO B 143 -6.18 -22.19 23.02
N GLY B 144 -5.36 -21.21 23.37
CA GLY B 144 -5.86 -19.93 23.82
C GLY B 144 -6.00 -18.88 22.74
N ALA B 145 -7.04 -19.01 21.91
CA ALA B 145 -7.32 -18.02 20.88
C ALA B 145 -8.73 -18.20 20.33
N VAL B 146 -9.55 -17.16 20.40
CA VAL B 146 -10.96 -17.24 20.00
C VAL B 146 -11.35 -15.93 19.31
N THR B 147 -12.57 -15.90 18.80
CA THR B 147 -13.16 -14.68 18.27
C THR B 147 -14.45 -14.38 19.02
N VAL B 148 -14.76 -13.09 19.16
CA VAL B 148 -15.92 -12.64 19.92
C VAL B 148 -16.74 -11.71 19.04
N ALA B 149 -17.98 -12.11 18.75
CA ALA B 149 -18.88 -11.33 17.91
C ALA B 149 -20.16 -11.05 18.70
N TRP B 150 -20.41 -9.78 19.00
CA TRP B 150 -21.63 -9.38 19.67
C TRP B 150 -22.73 -9.12 18.66
N LYS B 151 -23.97 -9.29 19.09
CA LYS B 151 -25.13 -9.09 18.23
C LYS B 151 -26.27 -8.49 19.03
N ALA B 152 -26.92 -7.49 18.46
CA ALA B 152 -28.20 -6.98 18.96
C ALA B 152 -29.30 -7.62 18.12
N ASP B 153 -30.20 -8.34 18.78
CA ASP B 153 -31.20 -9.16 18.10
C ASP B 153 -30.45 -10.16 17.23
N SER B 154 -30.58 -10.12 15.91
CA SER B 154 -29.83 -10.99 15.01
C SER B 154 -28.84 -10.22 14.15
N SER B 155 -28.45 -9.01 14.58
CA SER B 155 -27.62 -8.12 13.79
C SER B 155 -26.27 -7.92 14.46
N PRO B 156 -25.15 -8.04 13.74
CA PRO B 156 -23.85 -7.85 14.40
C PRO B 156 -23.67 -6.42 14.89
N VAL B 157 -23.03 -6.28 16.05
CA VAL B 157 -22.71 -4.99 16.63
C VAL B 157 -21.21 -4.93 16.86
N LYS B 158 -20.61 -3.77 16.55
CA LYS B 158 -19.18 -3.56 16.75
C LYS B 158 -18.85 -2.31 17.55
N ALA B 159 -19.76 -1.33 17.63
CA ALA B 159 -19.52 -0.14 18.44
C ALA B 159 -19.76 -0.47 19.92
N GLY B 160 -18.77 -0.15 20.74
CA GLY B 160 -18.87 -0.37 22.18
C GLY B 160 -18.31 -1.67 22.68
N VAL B 161 -17.71 -2.49 21.81
CA VAL B 161 -17.17 -3.78 22.22
C VAL B 161 -15.70 -3.60 22.59
N GLU B 162 -15.35 -4.02 23.80
CA GLU B 162 -13.98 -3.95 24.30
C GLU B 162 -13.63 -5.33 24.85
N THR B 163 -12.68 -6.01 24.20
CA THR B 163 -12.35 -7.39 24.52
C THR B 163 -10.90 -7.48 24.99
N THR B 164 -10.61 -8.49 25.79
CA THR B 164 -9.26 -8.76 26.27
C THR B 164 -8.56 -9.73 25.31
N THR B 165 -7.37 -10.18 25.70
CA THR B 165 -6.65 -11.23 25.01
C THR B 165 -6.59 -12.47 25.91
N PRO B 166 -6.62 -13.67 25.35
CA PRO B 166 -6.70 -14.87 26.19
C PRO B 166 -5.52 -14.99 27.15
N SER B 167 -5.83 -14.98 28.44
CA SER B 167 -4.83 -15.14 29.49
C SER B 167 -4.84 -16.59 29.99
N LYS B 168 -4.04 -16.85 31.02
CA LYS B 168 -3.85 -18.19 31.55
C LYS B 168 -4.50 -18.31 32.92
N GLN B 169 -5.37 -19.31 33.07
CA GLN B 169 -5.97 -19.59 34.36
C GLN B 169 -4.92 -20.16 35.31
N SER B 170 -5.35 -20.49 36.53
CA SER B 170 -4.48 -21.19 37.46
C SER B 170 -4.31 -22.65 37.05
N ASN B 171 -5.29 -23.23 36.36
CA ASN B 171 -5.27 -24.62 35.94
C ASN B 171 -4.59 -24.83 34.60
N ASN B 172 -3.71 -23.92 34.18
CA ASN B 172 -2.95 -24.00 32.94
C ASN B 172 -3.80 -23.84 31.69
N LYS B 173 -5.10 -23.58 31.83
CA LYS B 173 -5.98 -23.33 30.69
C LYS B 173 -6.16 -21.83 30.51
N TYR B 174 -6.91 -21.46 29.48
CA TYR B 174 -7.05 -20.07 29.08
C TYR B 174 -8.42 -19.52 29.42
N ALA B 175 -8.48 -18.19 29.55
CA ALA B 175 -9.70 -17.49 29.93
C ALA B 175 -9.64 -16.07 29.38
N ALA B 176 -10.72 -15.65 28.73
CA ALA B 176 -10.81 -14.31 28.14
C ALA B 176 -12.15 -13.69 28.51
N SER B 177 -12.28 -12.40 28.26
CA SER B 177 -13.50 -11.68 28.59
C SER B 177 -13.75 -10.60 27.55
N SER B 178 -15.02 -10.23 27.39
CA SER B 178 -15.43 -9.18 26.48
C SER B 178 -16.55 -8.37 27.12
N TYR B 179 -16.62 -7.10 26.76
CA TYR B 179 -17.56 -6.16 27.36
C TYR B 179 -18.28 -5.40 26.25
N LEU B 180 -19.61 -5.35 26.33
CA LEU B 180 -20.42 -4.55 25.42
C LEU B 180 -21.02 -3.41 26.21
N SER B 181 -20.63 -2.18 25.89
CA SER B 181 -21.08 -1.00 26.62
C SER B 181 -22.25 -0.36 25.89
N LEU B 182 -23.36 -0.18 26.63
CA LEU B 182 -24.58 0.36 26.07
C LEU B 182 -25.23 1.32 27.06
N THR B 183 -26.17 2.15 26.52
CA THR B 183 -27.03 3.00 27.31
C THR B 183 -28.31 2.26 27.68
N PRO B 184 -28.95 2.60 28.80
CA PRO B 184 -30.18 1.89 29.18
C PRO B 184 -31.24 1.88 28.10
N GLU B 185 -31.36 2.96 27.33
CA GLU B 185 -32.33 3.00 26.24
C GLU B 185 -32.10 1.83 25.28
N GLN B 186 -30.89 1.71 24.75
CA GLN B 186 -30.58 0.61 23.84
C GLN B 186 -30.88 -0.74 24.47
N TRP B 187 -30.60 -0.88 25.77
CA TRP B 187 -30.86 -2.14 26.44
C TRP B 187 -32.36 -2.42 26.57
N LYS B 188 -33.18 -1.37 26.60
CA LYS B 188 -34.63 -1.52 26.71
C LYS B 188 -35.33 -1.60 25.36
N SER B 189 -34.65 -1.26 24.27
CA SER B 189 -35.28 -1.25 22.95
C SER B 189 -35.22 -2.62 22.27
N HIS B 190 -34.06 -3.26 22.27
CA HIS B 190 -33.89 -4.52 21.56
C HIS B 190 -34.52 -5.67 22.35
N ARG B 191 -34.78 -6.76 21.63
CA ARG B 191 -35.41 -7.93 22.23
C ARG B 191 -34.39 -8.79 22.98
N SER B 192 -33.16 -8.89 22.48
CA SER B 192 -32.15 -9.71 23.12
C SER B 192 -30.80 -9.47 22.47
N TYR B 193 -29.75 -9.45 23.27
CA TYR B 193 -28.39 -9.38 22.79
C TYR B 193 -27.70 -10.71 22.98
N SER B 194 -26.71 -10.98 22.13
CA SER B 194 -26.05 -12.28 22.10
C SER B 194 -24.55 -12.10 22.00
N CYS B 195 -23.83 -12.78 22.88
CA CYS B 195 -22.37 -12.90 22.78
C CYS B 195 -22.04 -14.19 22.04
N GLN B 196 -21.20 -14.08 21.02
CA GLN B 196 -20.78 -15.22 20.21
C GLN B 196 -19.28 -15.43 20.37
N VAL B 197 -18.88 -16.68 20.53
CA VAL B 197 -17.49 -17.05 20.80
C VAL B 197 -17.12 -18.20 19.86
N THR B 198 -16.09 -17.99 19.05
CA THR B 198 -15.61 -19.00 18.12
C THR B 198 -14.27 -19.52 18.60
N HIS B 199 -14.24 -20.81 18.95
CA HIS B 199 -13.01 -21.53 19.26
C HIS B 199 -12.97 -22.76 18.36
N GLU B 200 -11.77 -23.10 17.89
CA GLU B 200 -11.60 -23.95 16.72
C GLU B 200 -12.62 -25.09 16.67
N GLY B 201 -13.31 -25.20 15.54
CA GLY B 201 -14.29 -26.24 15.30
C GLY B 201 -15.70 -25.92 15.78
N SER B 202 -15.87 -24.93 16.64
CA SER B 202 -17.13 -24.71 17.32
C SER B 202 -17.34 -23.23 17.58
N THR B 203 -18.61 -22.82 17.52
CA THR B 203 -19.03 -21.48 17.90
C THR B 203 -20.20 -21.59 18.87
N VAL B 204 -20.01 -21.06 20.07
CA VAL B 204 -21.04 -21.06 21.11
C VAL B 204 -21.59 -19.65 21.24
N GLU B 205 -22.89 -19.54 21.49
CA GLU B 205 -23.52 -18.24 21.61
C GLU B 205 -24.45 -18.24 22.83
N LYS B 206 -24.40 -17.14 23.59
CA LYS B 206 -25.21 -16.97 24.79
C LYS B 206 -26.04 -15.70 24.65
N THR B 207 -27.34 -15.80 24.96
CA THR B 207 -28.27 -14.70 24.76
C THR B 207 -28.82 -14.22 26.09
N VAL B 208 -29.09 -12.92 26.15
CA VAL B 208 -29.80 -12.29 27.26
C VAL B 208 -30.87 -11.37 26.70
N ALA B 209 -31.85 -11.06 27.53
CA ALA B 209 -32.91 -10.14 27.16
C ALA B 209 -33.21 -9.22 28.33
N PRO B 210 -33.70 -8.01 28.06
CA PRO B 210 -34.11 -7.14 29.17
C PRO B 210 -35.34 -7.65 29.91
N THR B 211 -36.21 -8.40 29.24
CA THR B 211 -37.41 -8.91 29.90
C THR B 211 -37.04 -9.93 30.97
N GLU B 212 -36.09 -10.82 30.67
CA GLU B 212 -35.66 -11.81 31.64
C GLU B 212 -35.05 -11.13 32.86
N CYS B 213 -34.76 -11.93 33.88
CA CYS B 213 -34.20 -11.42 35.12
C CYS B 213 -32.67 -11.48 35.09
N TRP C 2 35.78 -3.99 -28.76
CA TRP C 2 36.00 -2.61 -28.34
C TRP C 2 35.04 -2.21 -27.22
N LYS C 3 35.39 -1.13 -26.53
CA LYS C 3 34.53 -0.54 -25.51
C LYS C 3 34.12 0.86 -25.95
N GLU C 4 32.84 1.18 -25.78
CA GLU C 4 32.36 2.51 -26.09
C GLU C 4 32.94 3.53 -25.11
N ALA C 5 33.18 4.74 -25.61
CA ALA C 5 33.77 5.80 -24.81
C ALA C 5 32.90 7.05 -24.90
N ASN C 6 32.85 7.79 -23.80
CA ASN C 6 32.09 9.04 -23.75
C ASN C 6 32.90 10.16 -24.36
N THR C 7 32.41 10.71 -25.48
CA THR C 7 33.07 11.80 -26.17
C THR C 7 32.03 12.85 -26.53
N THR C 8 32.49 13.94 -27.14
CA THR C 8 31.63 15.05 -27.53
C THR C 8 31.34 14.92 -29.02
N LEU C 9 30.28 14.19 -29.34
CA LEU C 9 29.80 14.13 -30.72
C LEU C 9 29.50 15.54 -31.22
N PHE C 10 29.39 15.67 -32.54
CA PHE C 10 29.02 16.94 -33.16
C PHE C 10 27.75 16.72 -33.98
N CYS C 11 26.74 17.53 -33.70
CA CYS C 11 25.46 17.39 -34.38
C CYS C 11 25.56 17.94 -35.80
N ALA C 12 24.95 17.21 -36.75
CA ALA C 12 24.91 17.60 -38.15
C ALA C 12 23.46 17.85 -38.52
N SER C 13 23.12 19.11 -38.75
CA SER C 13 21.77 19.51 -39.11
C SER C 13 21.68 19.80 -40.61
N ASP C 14 20.45 19.85 -41.10
CA ASP C 14 20.16 20.25 -42.47
C ASP C 14 19.50 21.62 -42.50
N ALA C 15 19.86 22.48 -41.55
CA ALA C 15 19.14 23.72 -41.32
C ALA C 15 19.65 24.83 -42.23
N LYS C 16 18.97 25.98 -42.16
CA LYS C 16 19.32 27.16 -42.93
C LYS C 16 19.37 28.36 -41.99
N ALA C 17 20.34 29.24 -42.25
CA ALA C 17 20.59 30.37 -41.34
C ALA C 17 19.54 31.46 -41.50
N TYR C 18 19.36 31.95 -42.73
CA TYR C 18 18.50 33.11 -42.95
C TYR C 18 17.09 32.87 -42.42
N ASP C 19 16.58 31.65 -42.55
CA ASP C 19 15.22 31.36 -42.10
C ASP C 19 15.05 31.72 -40.63
N THR C 20 13.88 32.26 -40.29
CA THR C 20 13.67 32.82 -38.97
C THR C 20 13.62 31.75 -37.88
N GLU C 21 13.21 30.54 -38.24
CA GLU C 21 12.83 29.54 -37.24
C GLU C 21 13.95 29.29 -36.23
N ALA C 22 13.55 28.86 -35.03
CA ALA C 22 14.46 28.80 -33.89
C ALA C 22 15.50 27.68 -34.05
N HIS C 23 15.03 26.42 -34.08
CA HIS C 23 15.96 25.29 -34.17
C HIS C 23 16.95 25.49 -35.31
N ASN C 24 16.55 26.16 -36.37
CA ASN C 24 17.47 26.47 -37.46
C ASN C 24 18.50 27.49 -37.01
N VAL C 25 18.08 28.55 -36.33
CA VAL C 25 19.01 29.57 -35.86
C VAL C 25 20.07 28.96 -34.96
N TRP C 26 19.63 28.15 -33.98
CA TRP C 26 20.59 27.57 -33.04
C TRP C 26 21.46 26.52 -33.72
N ALA C 27 20.84 25.61 -34.47
CA ALA C 27 21.59 24.56 -35.15
C ALA C 27 22.59 25.13 -36.16
N THR C 28 22.35 26.34 -36.65
CA THR C 28 23.30 26.95 -37.58
C THR C 28 24.65 27.15 -36.91
N HIS C 29 24.66 27.66 -35.68
CA HIS C 29 25.89 27.96 -34.97
C HIS C 29 26.33 26.86 -34.02
N ALA C 30 25.51 25.83 -33.83
CA ALA C 30 25.86 24.71 -32.96
C ALA C 30 26.06 23.39 -33.71
N CYS C 31 25.45 23.23 -34.87
CA CYS C 31 25.58 22.03 -35.67
C CYS C 31 26.19 22.38 -37.03
N VAL C 32 26.30 21.37 -37.89
CA VAL C 32 26.92 21.53 -39.20
C VAL C 32 25.99 20.98 -40.28
N PRO C 33 26.27 21.22 -41.56
CA PRO C 33 25.44 20.64 -42.62
C PRO C 33 25.59 19.13 -42.69
N THR C 34 24.58 18.49 -43.28
CA THR C 34 24.56 17.04 -43.39
C THR C 34 25.50 16.58 -44.49
N ASP C 35 26.24 15.52 -44.20
CA ASP C 35 27.03 14.86 -45.24
C ASP C 35 26.08 14.29 -46.29
N PRO C 36 26.35 14.48 -47.59
CA PRO C 36 25.45 13.90 -48.60
C PRO C 36 25.18 12.42 -48.37
N ASN C 37 26.19 11.67 -47.93
CA ASN C 37 25.98 10.29 -47.50
C ASN C 37 27.03 9.98 -46.44
N PRO C 38 26.64 9.38 -45.31
CA PRO C 38 27.65 8.83 -44.39
C PRO C 38 27.84 7.35 -44.64
N GLN C 39 29.01 6.96 -45.15
CA GLN C 39 29.25 5.58 -45.54
C GLN C 39 28.86 4.62 -44.42
N GLU C 40 27.89 3.75 -44.70
CA GLU C 40 27.41 2.78 -43.73
C GLU C 40 28.23 1.51 -43.87
N VAL C 41 29.37 1.47 -43.20
CA VAL C 41 30.24 0.30 -43.22
C VAL C 41 29.61 -0.76 -42.31
N VAL C 42 29.16 -1.86 -42.91
CA VAL C 42 28.40 -2.89 -42.21
C VAL C 42 29.31 -4.06 -41.88
N LEU C 43 28.95 -4.79 -40.83
CA LEU C 43 29.63 -6.03 -40.44
C LEU C 43 28.58 -7.10 -40.16
N GLU C 44 28.87 -8.33 -40.59
CA GLU C 44 27.90 -9.42 -40.51
C GLU C 44 28.17 -10.35 -39.34
N ASN C 45 29.32 -11.02 -39.36
CA ASN C 45 29.61 -12.04 -38.35
C ASN C 45 30.17 -11.41 -37.08
N VAL C 46 29.45 -10.46 -36.49
CA VAL C 46 29.89 -9.76 -35.28
C VAL C 46 28.66 -9.35 -34.50
N THR C 47 28.80 -9.26 -33.17
CA THR C 47 27.73 -8.81 -32.30
C THR C 47 28.34 -8.03 -31.14
N GLU C 48 27.53 -7.14 -30.56
CA GLU C 48 27.98 -6.27 -29.47
C GLU C 48 26.83 -6.02 -28.52
N ASN C 49 27.18 -5.66 -27.28
CA ASN C 49 26.21 -5.43 -26.22
C ASN C 49 25.76 -3.97 -26.22
N PHE C 50 24.47 -3.75 -26.44
CA PHE C 50 23.86 -2.42 -26.37
C PHE C 50 23.01 -2.33 -25.11
N ASN C 51 23.05 -1.15 -24.46
CA ASN C 51 22.20 -0.88 -23.31
C ASN C 51 21.68 0.55 -23.45
N MET C 52 20.51 0.68 -24.06
CA MET C 52 19.92 2.00 -24.28
C MET C 52 19.78 2.79 -22.99
N TRP C 53 19.62 2.10 -21.86
CA TRP C 53 19.47 2.75 -20.57
C TRP C 53 20.80 3.13 -19.94
N LYS C 54 21.89 3.04 -20.69
CA LYS C 54 23.24 3.34 -20.20
C LYS C 54 24.05 3.83 -21.40
N ASN C 55 23.66 4.98 -21.94
CA ASN C 55 24.27 5.52 -23.15
C ASN C 55 24.48 7.01 -22.95
N HIS C 56 25.74 7.45 -23.07
CA HIS C 56 26.07 8.85 -22.86
C HIS C 56 25.42 9.75 -23.91
N MET C 57 25.14 9.20 -25.09
CA MET C 57 24.53 9.99 -26.16
C MET C 57 23.22 10.61 -25.70
N VAL C 58 22.47 9.87 -24.88
CA VAL C 58 21.23 10.43 -24.32
C VAL C 58 21.54 11.69 -23.51
N GLU C 59 22.55 11.60 -22.63
CA GLU C 59 22.91 12.74 -21.81
C GLU C 59 23.31 13.93 -22.67
N GLN C 60 24.23 13.72 -23.61
CA GLN C 60 24.70 14.82 -24.45
C GLN C 60 23.54 15.45 -25.21
N MET C 61 22.70 14.62 -25.83
CA MET C 61 21.53 15.14 -26.53
C MET C 61 20.69 16.01 -25.60
N HIS C 62 20.43 15.51 -24.39
CA HIS C 62 19.65 16.26 -23.42
C HIS C 62 20.27 17.64 -23.17
N GLU C 63 21.58 17.68 -22.93
CA GLU C 63 22.23 18.96 -22.70
C GLU C 63 22.14 19.87 -23.91
N ASP C 64 22.19 19.30 -25.12
CA ASP C 64 22.05 20.12 -26.32
C ASP C 64 20.66 20.73 -26.42
N ILE C 65 19.62 19.95 -26.14
CA ILE C 65 18.26 20.49 -26.18
C ILE C 65 18.09 21.56 -25.12
N ILE C 66 18.64 21.33 -23.92
CA ILE C 66 18.61 22.37 -22.89
C ILE C 66 19.26 23.65 -23.41
N SER C 67 20.46 23.53 -23.98
CA SER C 67 21.15 24.69 -24.53
C SER C 67 20.30 25.38 -25.60
N LEU C 68 19.52 24.61 -26.35
CA LEU C 68 18.65 25.20 -27.37
C LEU C 68 17.53 26.00 -26.73
N TRP C 69 16.82 25.40 -25.77
CA TRP C 69 15.70 26.08 -25.14
C TRP C 69 16.16 27.33 -24.41
N ASP C 70 17.19 27.21 -23.57
CA ASP C 70 17.69 28.37 -22.84
C ASP C 70 18.24 29.43 -23.80
N GLN C 71 18.97 29.00 -24.82
CA GLN C 71 19.56 29.94 -25.77
C GLN C 71 18.47 30.57 -26.64
N SER C 72 17.48 29.79 -27.04
CA SER C 72 16.47 30.26 -27.99
C SER C 72 15.20 30.73 -27.29
N LEU C 73 14.32 29.78 -26.92
CA LEU C 73 13.03 30.12 -26.34
C LEU C 73 13.24 30.71 -24.95
N LYS C 74 12.96 32.01 -24.80
CA LYS C 74 13.19 32.71 -23.55
C LYS C 74 11.89 32.79 -22.77
N PRO C 75 11.74 32.09 -21.64
CA PRO C 75 10.51 32.21 -20.86
C PRO C 75 10.36 33.60 -20.26
N CYS C 76 9.10 34.00 -20.02
CA CYS C 76 8.83 35.28 -19.39
C CYS C 76 9.54 35.36 -18.03
N VAL C 77 9.21 34.43 -17.13
CA VAL C 77 9.71 34.48 -15.77
C VAL C 77 10.05 33.07 -15.32
N LYS C 78 11.03 32.96 -14.42
CA LYS C 78 11.46 31.67 -13.89
C LYS C 78 11.46 31.71 -12.37
N LEU C 79 10.95 30.63 -11.77
CA LEU C 79 11.01 30.42 -10.34
C LEU C 79 11.69 29.08 -10.09
N THR C 80 12.96 29.15 -9.68
CA THR C 80 13.76 27.99 -9.32
C THR C 80 14.46 28.27 -7.99
N GLY C 81 13.68 28.45 -6.94
CA GLY C 81 14.22 28.92 -5.68
C GLY C 81 14.62 30.37 -5.69
N GLY C 82 14.33 31.10 -6.77
CA GLY C 82 14.64 32.51 -6.85
C GLY C 82 13.65 33.25 -7.74
N VAL C 83 14.03 34.44 -8.18
CA VAL C 83 13.15 35.26 -9.01
C VAL C 83 13.96 35.83 -10.17
N ILE C 84 13.29 36.02 -11.31
CA ILE C 84 13.92 36.62 -12.48
C ILE C 84 12.84 37.19 -13.37
N THR C 85 13.09 38.38 -13.91
CA THR C 85 12.22 39.02 -14.87
C THR C 85 12.91 39.00 -16.24
N GLN C 86 12.18 38.63 -17.28
CA GLN C 86 12.77 38.45 -18.60
C GLN C 86 11.74 38.79 -19.67
N ALA C 87 12.26 39.12 -20.86
CA ALA C 87 11.41 39.39 -22.00
C ALA C 87 10.79 38.09 -22.52
N CYS C 88 9.75 38.23 -23.34
CA CYS C 88 9.04 37.09 -23.91
C CYS C 88 8.76 37.34 -25.39
N PRO C 89 9.79 37.29 -26.22
CA PRO C 89 9.55 37.30 -27.67
C PRO C 89 8.92 35.99 -28.11
N LYS C 90 7.86 36.08 -28.93
CA LYS C 90 7.19 34.90 -29.44
C LYS C 90 8.02 34.32 -30.58
N ILE C 91 8.49 33.09 -30.40
CA ILE C 91 9.44 32.47 -31.32
C ILE C 91 8.71 31.48 -32.20
N SER C 92 9.37 31.07 -33.29
CA SER C 92 8.88 30.03 -34.18
C SER C 92 9.56 28.73 -33.81
N PHE C 93 8.81 27.81 -33.19
CA PHE C 93 9.32 26.54 -32.72
C PHE C 93 8.90 25.45 -33.71
N GLU C 94 9.89 24.79 -34.32
CA GLU C 94 9.64 23.79 -35.35
C GLU C 94 10.78 22.78 -35.33
N PRO C 95 10.57 21.59 -34.79
CA PRO C 95 11.67 20.61 -34.73
C PRO C 95 12.06 20.13 -36.12
N ILE C 96 13.37 20.07 -36.35
CA ILE C 96 13.91 19.65 -37.64
C ILE C 96 14.73 18.38 -37.41
N PRO C 97 14.95 17.58 -38.45
CA PRO C 97 15.80 16.40 -38.28
C PRO C 97 17.23 16.78 -37.91
N ILE C 98 17.76 16.13 -36.89
CA ILE C 98 19.11 16.37 -36.41
C ILE C 98 19.88 15.06 -36.45
N HIS C 99 21.14 15.13 -36.84
CA HIS C 99 22.06 14.01 -36.76
C HIS C 99 23.08 14.25 -35.66
N TYR C 100 23.70 13.17 -35.21
CA TYR C 100 24.76 13.22 -34.20
C TYR C 100 25.92 12.37 -34.71
N CYS C 101 26.94 13.04 -35.23
CA CYS C 101 28.08 12.36 -35.83
C CYS C 101 29.25 12.29 -34.86
N ALA C 102 30.08 11.25 -35.03
CA ALA C 102 31.24 11.03 -34.18
C ALA C 102 32.50 11.58 -34.85
N PRO C 103 33.42 12.18 -34.10
CA PRO C 103 34.65 12.71 -34.72
C PRO C 103 35.56 11.60 -35.21
N ALA C 104 36.67 11.98 -35.85
CA ALA C 104 37.62 11.00 -36.35
C ALA C 104 38.28 10.25 -35.20
N GLY C 105 38.61 8.99 -35.45
CA GLY C 105 39.13 8.10 -34.44
C GLY C 105 38.06 7.27 -33.74
N PHE C 106 36.83 7.78 -33.68
CA PHE C 106 35.70 7.06 -33.14
C PHE C 106 34.70 6.75 -34.25
N ALA C 107 33.74 5.89 -33.93
CA ALA C 107 32.67 5.54 -34.85
C ALA C 107 31.41 5.29 -34.03
N ILE C 108 30.32 4.98 -34.72
CA ILE C 108 29.03 4.74 -34.10
C ILE C 108 28.56 3.35 -34.53
N LEU C 109 28.50 2.44 -33.56
CA LEU C 109 27.91 1.12 -33.78
C LEU C 109 26.40 1.23 -33.78
N LYS C 110 25.77 0.69 -34.82
CA LYS C 110 24.33 0.75 -35.00
C LYS C 110 23.79 -0.67 -35.10
N CYS C 111 22.83 -0.99 -34.24
CA CYS C 111 22.20 -2.31 -34.25
C CYS C 111 21.12 -2.34 -35.32
N ASN C 112 21.32 -3.16 -36.34
CA ASN C 112 20.37 -3.27 -37.45
C ASN C 112 19.50 -4.52 -37.36
N ASP C 113 19.32 -5.04 -36.15
CA ASP C 113 18.46 -6.21 -35.96
C ASP C 113 17.00 -5.80 -35.94
N LYS C 114 16.16 -6.58 -36.62
CA LYS C 114 14.75 -6.24 -36.79
C LYS C 114 14.09 -5.95 -35.45
N LYS C 115 13.96 -6.97 -34.60
CA LYS C 115 13.39 -6.81 -33.27
C LYS C 115 14.50 -6.83 -32.24
N PHE C 116 14.53 -5.81 -31.38
CA PHE C 116 15.60 -5.65 -30.40
C PHE C 116 14.98 -5.09 -29.13
N ASN C 117 15.10 -5.83 -28.04
CA ASN C 117 14.42 -5.45 -26.80
C ASN C 117 15.23 -4.43 -26.01
N GLY C 118 16.01 -3.60 -26.72
CA GLY C 118 16.66 -2.45 -26.11
C GLY C 118 17.96 -2.77 -25.40
N THR C 119 18.04 -3.94 -24.79
CA THR C 119 19.20 -4.34 -24.01
C THR C 119 19.60 -5.76 -24.38
N GLY C 120 20.88 -6.06 -24.18
CA GLY C 120 21.42 -7.33 -24.61
C GLY C 120 22.14 -7.20 -25.93
N PRO C 121 22.96 -8.18 -26.28
CA PRO C 121 23.73 -8.08 -27.52
C PRO C 121 22.83 -8.08 -28.75
N CYS C 122 23.37 -7.51 -29.83
CA CYS C 122 22.66 -7.38 -31.10
C CYS C 122 23.50 -7.99 -32.21
N THR C 123 22.82 -8.63 -33.17
CA THR C 123 23.46 -9.18 -34.35
C THR C 123 23.26 -8.25 -35.53
N ASN C 124 23.98 -8.54 -36.62
CA ASN C 124 23.90 -7.74 -37.83
C ASN C 124 24.25 -6.28 -37.53
N VAL C 125 25.38 -6.08 -36.87
CA VAL C 125 25.81 -4.75 -36.45
C VAL C 125 26.41 -4.02 -37.65
N SER C 126 26.25 -2.70 -37.66
CA SER C 126 26.84 -1.86 -38.69
C SER C 126 27.64 -0.75 -38.03
N THR C 127 28.48 -0.10 -38.82
CA THR C 127 29.28 1.03 -38.37
C THR C 127 28.95 2.24 -39.22
N VAL C 128 28.76 3.39 -38.56
CA VAL C 128 28.42 4.63 -39.24
C VAL C 128 29.22 5.76 -38.60
N GLN C 129 29.25 6.89 -39.31
CA GLN C 129 29.83 8.12 -38.78
C GLN C 129 28.77 9.08 -38.25
N CYS C 130 27.50 8.88 -38.59
CA CYS C 130 26.43 9.80 -38.20
C CYS C 130 25.20 9.00 -37.78
N THR C 131 24.17 9.73 -37.38
CA THR C 131 22.91 9.18 -36.92
C THR C 131 21.80 9.58 -37.89
N HIS C 132 20.74 8.78 -37.91
CA HIS C 132 19.60 9.04 -38.79
C HIS C 132 18.93 10.37 -38.42
N GLY C 133 17.91 10.75 -39.18
CA GLY C 133 17.19 11.98 -38.91
C GLY C 133 16.35 11.91 -37.66
N ILE C 134 16.75 12.66 -36.63
CA ILE C 134 16.07 12.68 -35.35
C ILE C 134 15.58 14.10 -35.08
N ARG C 135 14.31 14.23 -34.70
CA ARG C 135 13.72 15.52 -34.39
C ARG C 135 13.58 15.66 -32.88
N PRO C 136 14.20 16.65 -32.23
CA PRO C 136 14.05 16.79 -30.78
C PRO C 136 12.66 17.26 -30.38
N VAL C 137 11.75 16.32 -30.21
CA VAL C 137 10.35 16.63 -29.88
C VAL C 137 10.18 16.55 -28.37
N VAL C 138 9.88 17.69 -27.76
CA VAL C 138 9.65 17.76 -26.31
C VAL C 138 8.16 17.54 -26.11
N SER C 139 7.74 16.29 -26.25
CA SER C 139 6.37 15.88 -25.99
C SER C 139 6.34 14.93 -24.82
N THR C 140 5.15 14.74 -24.25
CA THR C 140 4.95 13.82 -23.14
C THR C 140 3.77 12.92 -23.46
N GLN C 141 3.68 11.82 -22.71
CA GLN C 141 2.64 10.81 -22.93
C GLN C 141 2.78 10.15 -24.29
N LEU C 142 2.75 10.94 -25.37
CA LEU C 142 2.84 10.43 -26.73
C LEU C 142 4.08 10.99 -27.41
N LEU C 143 4.74 10.15 -28.20
CA LEU C 143 5.93 10.53 -28.94
C LEU C 143 5.54 10.90 -30.36
N LEU C 144 6.00 12.06 -30.81
CA LEU C 144 5.60 12.64 -32.08
C LEU C 144 6.82 12.88 -32.96
N ASN C 145 6.57 12.95 -34.27
CA ASN C 145 7.61 13.26 -35.26
C ASN C 145 8.88 12.44 -35.01
N GLY C 146 8.68 11.17 -34.66
CA GLY C 146 9.78 10.25 -34.41
C GLY C 146 9.98 9.28 -35.56
N SER C 147 10.63 8.15 -35.24
CA SER C 147 10.93 7.11 -36.22
C SER C 147 10.27 5.82 -35.75
N LEU C 148 9.19 5.42 -36.43
CA LEU C 148 8.44 4.24 -36.03
C LEU C 148 9.21 2.97 -36.40
N ALA C 149 8.93 1.90 -35.65
CA ALA C 149 9.57 0.62 -35.93
C ALA C 149 9.15 0.11 -37.30
N GLU C 150 10.13 -0.39 -38.06
CA GLU C 150 9.87 -0.80 -39.43
C GLU C 150 8.82 -1.90 -39.49
N GLU C 151 8.95 -2.92 -38.65
CA GLU C 151 8.08 -4.09 -38.68
C GLU C 151 7.41 -4.26 -37.32
N GLU C 152 6.09 -4.42 -37.34
CA GLU C 152 5.33 -4.78 -36.13
C GLU C 152 5.56 -3.69 -35.07
N VAL C 153 5.49 -4.07 -33.80
CA VAL C 153 5.56 -3.14 -32.68
C VAL C 153 6.67 -3.64 -31.75
N VAL C 154 7.29 -2.71 -31.03
CA VAL C 154 8.31 -3.07 -30.07
C VAL C 154 8.10 -2.29 -28.77
N ILE C 155 8.20 -3.00 -27.65
CA ILE C 155 8.08 -2.43 -26.32
C ILE C 155 9.40 -2.64 -25.60
N ARG C 156 9.81 -1.66 -24.81
CA ARG C 156 11.12 -1.69 -24.17
C ARG C 156 11.04 -1.12 -22.76
N SER C 157 11.86 -1.67 -21.88
CA SER C 157 11.97 -1.20 -20.50
C SER C 157 13.10 -1.96 -19.82
N GLU C 158 13.97 -1.25 -19.10
CA GLU C 158 15.08 -1.93 -18.43
C GLU C 158 14.61 -3.00 -17.48
N ASN C 159 13.33 -2.98 -17.10
CA ASN C 159 12.79 -4.00 -16.21
C ASN C 159 11.27 -3.94 -16.22
N PHE C 160 10.63 -4.92 -16.88
CA PHE C 160 9.18 -4.93 -16.96
C PHE C 160 8.53 -5.19 -15.60
N THR C 161 9.17 -5.99 -14.76
CA THR C 161 8.61 -6.31 -13.45
C THR C 161 8.81 -5.21 -12.43
N ASN C 162 9.32 -4.05 -12.83
CA ASN C 162 9.48 -2.89 -11.96
C ASN C 162 8.52 -1.81 -12.43
N ASN C 163 7.42 -1.62 -11.69
CA ASN C 163 6.34 -0.75 -12.14
C ASN C 163 6.74 0.72 -12.16
N VAL C 164 7.78 1.11 -11.41
CA VAL C 164 8.21 2.51 -11.43
C VAL C 164 8.92 2.82 -12.74
N LYS C 165 9.67 1.86 -13.28
CA LYS C 165 10.41 2.08 -14.51
C LYS C 165 9.47 2.20 -15.70
N ASN C 166 9.63 3.27 -16.46
CA ASN C 166 8.72 3.59 -17.55
C ASN C 166 8.94 2.64 -18.74
N ILE C 167 7.93 2.56 -19.59
CA ILE C 167 7.91 1.64 -20.72
C ILE C 167 7.79 2.45 -22.00
N ILE C 168 8.70 2.19 -22.94
CA ILE C 168 8.73 2.88 -24.23
C ILE C 168 8.13 1.95 -25.28
N VAL C 169 7.48 2.55 -26.28
CA VAL C 169 6.72 1.81 -27.28
C VAL C 169 6.94 2.45 -28.64
N GLN C 170 7.22 1.62 -29.64
CA GLN C 170 7.29 2.05 -31.04
C GLN C 170 6.30 1.24 -31.85
N LEU C 171 5.53 1.92 -32.69
CA LEU C 171 4.35 1.37 -33.33
C LEU C 171 4.66 0.70 -34.66
N ASN C 172 3.66 -0.04 -35.16
CA ASN C 172 3.72 -0.60 -36.50
C ASN C 172 3.52 0.48 -37.55
N GLU C 173 2.58 1.38 -37.31
CA GLU C 173 2.22 2.43 -38.26
C GLU C 173 2.20 3.78 -37.56
N SER C 174 2.21 4.84 -38.35
CA SER C 174 2.11 6.20 -37.84
C SER C 174 0.64 6.61 -37.77
N VAL C 175 0.25 7.17 -36.63
CA VAL C 175 -1.12 7.62 -36.40
C VAL C 175 -1.16 9.13 -36.53
N GLN C 176 -2.12 9.62 -37.32
CA GLN C 176 -2.25 11.05 -37.56
C GLN C 176 -2.96 11.71 -36.39
N ILE C 177 -2.36 12.77 -35.86
CA ILE C 177 -2.98 13.56 -34.80
C ILE C 177 -2.97 15.02 -35.22
N ASN C 178 -4.12 15.67 -35.12
CA ASN C 178 -4.29 17.07 -35.53
C ASN C 178 -4.68 17.91 -34.31
N CYS C 179 -4.15 19.13 -34.26
CA CYS C 179 -4.42 20.04 -33.16
C CYS C 179 -4.44 21.47 -33.67
N THR C 180 -5.26 22.30 -33.03
CA THR C 180 -5.35 23.71 -33.39
C THR C 180 -6.29 24.45 -32.44
N HIS C 197 -8.12 22.43 -29.00
CA HIS C 197 -8.66 21.09 -29.21
C HIS C 197 -7.75 20.27 -30.11
N CYS C 198 -8.09 19.00 -30.29
CA CYS C 198 -7.35 18.12 -31.18
C CYS C 198 -8.30 17.08 -31.75
N ASN C 199 -7.87 16.46 -32.84
CA ASN C 199 -8.63 15.39 -33.48
C ASN C 199 -7.69 14.23 -33.77
N ILE C 200 -8.30 13.06 -34.02
CA ILE C 200 -7.52 11.87 -34.35
C ILE C 200 -8.47 10.74 -34.72
N SER C 201 -8.15 10.05 -35.80
CA SER C 201 -8.96 8.92 -36.25
C SER C 201 -9.09 7.89 -35.14
N ARG C 202 -10.33 7.63 -34.74
CA ARG C 202 -10.55 6.68 -33.64
C ARG C 202 -10.15 5.27 -34.04
N GLU C 203 -10.43 4.88 -35.29
CA GLU C 203 -10.26 3.49 -35.68
C GLU C 203 -8.79 3.10 -35.69
N LYS C 204 -7.96 3.87 -36.40
CA LYS C 204 -6.52 3.58 -36.43
C LYS C 204 -5.96 3.49 -35.02
N TRP C 205 -6.40 4.38 -34.13
CA TRP C 205 -5.98 4.31 -32.73
C TRP C 205 -6.37 2.97 -32.13
N GLN C 206 -7.65 2.59 -32.26
CA GLN C 206 -8.10 1.30 -31.75
C GLN C 206 -7.20 0.16 -32.25
N ASN C 207 -6.83 0.21 -33.53
CA ASN C 207 -5.97 -0.83 -34.10
C ASN C 207 -4.62 -0.87 -33.39
N THR C 208 -3.92 0.27 -33.38
CA THR C 208 -2.65 0.34 -32.67
C THR C 208 -2.77 -0.22 -31.27
N LEU C 209 -3.86 0.12 -30.57
CA LEU C 209 -4.11 -0.45 -29.25
C LEU C 209 -4.17 -1.97 -29.31
N LYS C 210 -4.85 -2.51 -30.33
CA LYS C 210 -4.91 -3.96 -30.46
C LYS C 210 -3.52 -4.56 -30.57
N GLN C 211 -2.65 -3.95 -31.38
CA GLN C 211 -1.29 -4.47 -31.54
C GLN C 211 -0.53 -4.40 -30.22
N ILE C 212 -0.61 -3.28 -29.52
CA ILE C 212 0.03 -3.16 -28.21
C ILE C 212 -0.45 -4.27 -27.29
N VAL C 213 -1.77 -4.53 -27.28
CA VAL C 213 -2.29 -5.63 -26.48
C VAL C 213 -1.66 -6.94 -26.91
N LYS C 214 -1.41 -7.10 -28.21
CA LYS C 214 -0.75 -8.31 -28.69
C LYS C 214 0.61 -8.48 -28.03
N LYS C 215 1.46 -7.45 -28.13
CA LYS C 215 2.80 -7.55 -27.56
C LYS C 215 2.74 -7.77 -26.04
N LEU C 216 2.00 -6.89 -25.34
CA LEU C 216 1.92 -7.01 -23.89
C LEU C 216 1.44 -8.39 -23.46
N ARG C 217 0.33 -8.85 -24.03
CA ARG C 217 -0.15 -10.20 -23.75
C ARG C 217 0.94 -11.22 -24.00
N GLU C 218 1.74 -11.02 -25.05
CA GLU C 218 2.89 -11.89 -25.27
C GLU C 218 3.98 -11.70 -24.22
N GLN C 219 3.88 -10.66 -23.38
CA GLN C 219 4.88 -10.40 -22.35
C GLN C 219 4.48 -10.92 -20.97
N PHE C 220 3.22 -10.77 -20.59
CA PHE C 220 2.78 -11.08 -19.23
C PHE C 220 1.80 -12.25 -19.24
N LYS C 221 2.33 -13.44 -19.54
CA LYS C 221 1.61 -14.70 -19.35
C LYS C 221 0.11 -14.63 -19.65
N ASN C 222 -0.28 -13.95 -20.73
CA ASN C 222 -1.64 -13.94 -21.25
C ASN C 222 -2.61 -13.16 -20.37
N LYS C 223 -2.17 -12.62 -19.23
CA LYS C 223 -3.08 -11.89 -18.35
C LYS C 223 -3.81 -10.79 -19.13
N THR C 224 -5.09 -10.62 -18.83
CA THR C 224 -5.90 -9.65 -19.54
C THR C 224 -5.29 -8.26 -19.44
N ILE C 225 -5.26 -7.55 -20.57
CA ILE C 225 -4.65 -6.23 -20.66
C ILE C 225 -5.74 -5.18 -20.52
N ALA C 226 -5.39 -4.04 -19.92
CA ALA C 226 -6.34 -2.97 -19.72
C ALA C 226 -5.65 -1.61 -19.85
N PHE C 227 -6.40 -0.66 -20.39
CA PHE C 227 -5.95 0.72 -20.55
C PHE C 227 -6.82 1.66 -19.72
N ALA C 228 -6.20 2.72 -19.22
CA ALA C 228 -6.92 3.71 -18.43
C ALA C 228 -6.04 4.94 -18.24
N PRO C 229 -6.62 6.13 -18.12
CA PRO C 229 -5.80 7.34 -17.98
C PRO C 229 -5.03 7.34 -16.67
N SER C 230 -4.06 8.25 -16.58
CA SER C 230 -3.21 8.36 -15.40
C SER C 230 -3.95 9.07 -14.28
N SER C 231 -3.48 8.84 -13.06
CA SER C 231 -4.04 9.45 -11.87
C SER C 231 -3.03 10.42 -11.26
N GLY C 232 -3.51 11.58 -10.85
CA GLY C 232 -2.67 12.55 -10.15
C GLY C 232 -1.43 12.95 -10.92
N GLY C 233 -0.69 13.91 -10.37
CA GLY C 233 0.47 14.48 -11.02
C GLY C 233 0.21 15.91 -11.46
N ASP C 234 1.30 16.57 -11.84
CA ASP C 234 1.22 17.95 -12.27
C ASP C 234 0.49 18.04 -13.61
N PRO C 235 -0.07 19.21 -13.93
CA PRO C 235 -0.79 19.36 -15.21
C PRO C 235 0.05 18.94 -16.42
N GLU C 236 1.38 18.97 -16.26
CA GLU C 236 2.25 18.56 -17.35
C GLU C 236 2.18 17.06 -17.60
N ILE C 237 2.11 16.27 -16.52
CA ILE C 237 2.14 14.81 -16.64
C ILE C 237 0.76 14.23 -16.91
N VAL C 238 -0.26 14.74 -16.22
CA VAL C 238 -1.61 14.20 -16.38
C VAL C 238 -2.12 14.44 -17.78
N MET C 239 -1.64 15.49 -18.45
CA MET C 239 -2.13 15.89 -19.75
C MET C 239 -1.00 15.87 -20.78
N HIS C 240 -1.37 15.58 -22.02
CA HIS C 240 -0.43 15.58 -23.15
C HIS C 240 0.03 17.01 -23.39
N SER C 241 1.25 17.32 -22.96
CA SER C 241 1.82 18.65 -23.12
C SER C 241 2.86 18.65 -24.23
N PHE C 242 2.82 19.67 -25.08
CA PHE C 242 3.77 19.78 -26.18
C PHE C 242 3.86 21.24 -26.60
N ASN C 243 4.59 21.49 -27.69
CA ASN C 243 4.76 22.83 -28.22
C ASN C 243 4.13 22.94 -29.60
N CYS C 244 3.73 24.16 -29.95
CA CYS C 244 3.12 24.43 -31.25
C CYS C 244 3.36 25.90 -31.58
N ASN C 245 4.22 26.15 -32.57
CA ASN C 245 4.60 27.50 -32.98
C ASN C 245 5.20 28.30 -31.84
N GLY C 246 5.70 27.64 -30.81
CA GLY C 246 6.23 28.31 -29.64
C GLY C 246 5.23 28.50 -28.51
N GLU C 247 4.07 27.85 -28.58
CA GLU C 247 3.04 27.98 -27.56
C GLU C 247 2.77 26.60 -26.95
N PHE C 248 2.61 26.58 -25.63
CA PHE C 248 2.51 25.33 -24.90
C PHE C 248 1.07 24.81 -24.92
N PHE C 249 0.88 23.63 -25.49
CA PHE C 249 -0.41 22.97 -25.56
C PHE C 249 -0.53 21.90 -24.48
N TYR C 250 -1.71 21.82 -23.87
CA TYR C 250 -2.03 20.80 -22.88
C TYR C 250 -3.35 20.17 -23.26
N CYS C 251 -3.36 18.85 -23.46
CA CYS C 251 -4.52 18.14 -23.96
C CYS C 251 -4.93 17.01 -23.01
N ASN C 252 -6.23 16.72 -23.01
CA ASN C 252 -6.80 15.70 -22.14
C ASN C 252 -6.97 14.42 -22.96
N THR C 253 -6.22 13.38 -22.60
CA THR C 253 -6.19 12.13 -23.36
C THR C 253 -7.07 11.06 -22.75
N THR C 254 -8.14 11.44 -22.04
CA THR C 254 -9.02 10.47 -21.43
C THR C 254 -9.84 9.70 -22.47
N LYS C 255 -10.03 10.27 -23.66
CA LYS C 255 -10.83 9.59 -24.68
C LYS C 255 -10.05 8.44 -25.34
N LEU C 256 -8.72 8.45 -25.25
CA LEU C 256 -7.89 7.41 -25.85
C LEU C 256 -7.69 6.21 -24.95
N PHE C 257 -8.24 6.22 -23.72
CA PHE C 257 -8.06 5.14 -22.76
C PHE C 257 -9.38 4.93 -22.01
N THR C 258 -10.28 4.17 -22.63
CA THR C 258 -11.60 3.93 -22.05
C THR C 258 -12.08 2.49 -22.27
N SER C 259 -11.23 1.59 -22.75
CA SER C 259 -11.63 0.23 -23.06
C SER C 259 -10.63 -0.75 -22.46
N THR C 260 -11.05 -2.02 -22.39
CA THR C 260 -10.20 -3.10 -21.90
C THR C 260 -10.32 -4.27 -22.86
N TRP C 261 -9.19 -4.87 -23.20
CA TRP C 261 -9.13 -5.93 -24.20
C TRP C 261 -8.58 -7.20 -23.59
N ASN C 262 -8.79 -8.31 -24.29
CA ASN C 262 -8.34 -9.62 -23.83
C ASN C 262 -7.90 -10.48 -25.01
N VAL C 279 -14.74 10.40 -35.17
CA VAL C 279 -13.41 10.08 -34.65
C VAL C 279 -13.19 10.81 -33.34
N ILE C 280 -12.08 10.51 -32.67
CA ILE C 280 -11.83 11.05 -31.34
C ILE C 280 -11.42 12.52 -31.47
N THR C 281 -11.86 13.32 -30.51
CA THR C 281 -11.48 14.73 -30.42
C THR C 281 -11.15 15.03 -28.97
N LEU C 282 -9.91 15.48 -28.72
CA LEU C 282 -9.40 15.65 -27.36
C LEU C 282 -9.40 17.12 -26.98
N PRO C 283 -9.99 17.51 -25.85
CA PRO C 283 -9.95 18.92 -25.46
C PRO C 283 -8.58 19.33 -24.94
N CYS C 284 -8.24 20.60 -25.16
CA CYS C 284 -6.92 21.11 -24.77
C CYS C 284 -7.06 22.53 -24.23
N ARG C 285 -6.08 22.92 -23.42
CA ARG C 285 -5.96 24.27 -22.90
C ARG C 285 -4.57 24.80 -23.18
N ILE C 286 -4.37 26.07 -22.84
CA ILE C 286 -3.06 26.71 -22.97
C ILE C 286 -2.86 27.66 -21.80
N ARG C 287 -2.22 27.17 -20.73
CA ARG C 287 -1.83 28.00 -19.60
C ARG C 287 -0.32 28.03 -19.54
N GLN C 288 0.25 29.25 -19.59
CA GLN C 288 1.69 29.42 -19.71
C GLN C 288 2.43 29.11 -18.42
N ILE C 289 1.72 28.99 -17.30
CA ILE C 289 2.35 28.60 -16.04
C ILE C 289 2.71 27.12 -16.15
N ILE C 290 3.99 26.81 -16.28
CA ILE C 290 4.45 25.46 -16.55
C ILE C 290 5.60 25.11 -15.62
N ASN C 291 5.85 23.81 -15.48
CA ASN C 291 6.98 23.30 -14.71
C ASN C 291 8.08 22.96 -15.70
N MET C 292 9.18 23.71 -15.64
CA MET C 292 10.28 23.52 -16.58
C MET C 292 10.80 22.09 -16.49
N TRP C 293 10.76 21.37 -17.61
CA TRP C 293 11.46 20.10 -17.70
C TRP C 293 12.96 20.27 -17.57
N GLN C 294 13.46 21.47 -17.87
CA GLN C 294 14.89 21.74 -17.79
C GLN C 294 15.39 21.57 -16.35
N GLU C 295 14.60 22.00 -15.38
CA GLU C 295 15.02 22.02 -13.98
C GLU C 295 13.77 21.98 -13.11
N VAL C 296 13.94 21.50 -11.88
CA VAL C 296 12.83 21.42 -10.94
C VAL C 296 12.42 22.84 -10.55
N GLY C 297 11.55 23.46 -11.35
CA GLY C 297 11.03 24.77 -11.05
C GLY C 297 9.93 25.11 -12.03
N LYS C 298 9.28 26.24 -11.79
CA LYS C 298 8.13 26.66 -12.58
C LYS C 298 8.43 27.99 -13.26
N ALA C 299 8.30 28.01 -14.59
CA ALA C 299 8.49 29.21 -15.38
C ALA C 299 7.23 29.50 -16.19
N MET C 300 6.96 30.78 -16.42
CA MET C 300 5.80 31.22 -17.16
C MET C 300 6.21 32.01 -18.39
N TYR C 301 5.29 32.05 -19.36
CA TYR C 301 5.43 32.77 -20.61
C TYR C 301 4.29 33.78 -20.73
N ALA C 302 4.13 34.35 -21.91
CA ALA C 302 3.07 35.32 -22.17
C ALA C 302 1.95 34.69 -22.97
N PRO C 303 0.73 35.21 -22.88
CA PRO C 303 -0.38 34.68 -23.67
C PRO C 303 -0.06 34.74 -25.16
N PRO C 304 -0.75 33.94 -25.97
CA PRO C 304 -0.44 33.88 -27.40
C PRO C 304 -0.95 35.13 -28.13
N ILE C 305 -0.70 35.16 -29.43
CA ILE C 305 -1.11 36.28 -30.27
C ILE C 305 -1.43 35.80 -31.68
N CYS C 311 -1.11 22.53 -35.61
CA CYS C 311 -0.06 21.53 -35.54
C CYS C 311 -0.61 20.13 -35.78
N SER C 312 -0.23 19.55 -36.91
CA SER C 312 -0.55 18.17 -37.25
C SER C 312 0.73 17.36 -37.26
N SER C 313 0.73 16.23 -36.55
CA SER C 313 1.94 15.45 -36.38
C SER C 313 1.60 13.97 -36.34
N ASN C 314 2.66 13.16 -36.33
CA ASN C 314 2.56 11.71 -36.24
C ASN C 314 2.62 11.27 -34.79
N ILE C 315 2.19 10.03 -34.55
CA ILE C 315 2.33 9.36 -33.26
C ILE C 315 3.24 8.18 -33.50
N THR C 316 4.53 8.35 -33.22
CA THR C 316 5.54 7.35 -33.52
C THR C 316 5.99 6.57 -32.29
N GLY C 317 5.39 6.81 -31.13
CA GLY C 317 5.76 6.07 -29.93
C GLY C 317 4.83 6.42 -28.79
N LEU C 318 4.98 5.67 -27.70
CA LEU C 318 4.13 5.85 -26.53
C LEU C 318 4.88 5.49 -25.27
N LEU C 319 4.71 6.31 -24.23
CA LEU C 319 5.29 6.05 -22.92
C LEU C 319 4.18 5.61 -21.97
N LEU C 320 4.41 4.52 -21.25
CA LEU C 320 3.39 3.95 -20.38
C LEU C 320 4.01 3.54 -19.04
N THR C 321 3.14 3.39 -18.05
CA THR C 321 3.50 2.83 -16.75
C THR C 321 2.50 1.77 -16.37
N ARG C 322 2.99 0.72 -15.73
CA ARG C 322 2.16 -0.41 -15.30
C ARG C 322 1.74 -0.22 -13.85
N ASP C 323 0.50 -0.60 -13.55
CA ASP C 323 0.01 -0.60 -12.18
C ASP C 323 0.03 -2.04 -11.67
N GLY C 324 0.99 -2.35 -10.80
CA GLY C 324 1.11 -3.68 -10.25
C GLY C 324 -0.13 -4.12 -9.51
N GLY C 325 -0.40 -3.51 -8.36
CA GLY C 325 -1.59 -3.83 -7.60
C GLY C 325 -1.62 -5.29 -7.19
N VAL C 326 -2.84 -5.85 -7.15
CA VAL C 326 -3.05 -7.22 -6.72
C VAL C 326 -4.10 -7.90 -7.60
N ASP C 327 -4.45 -7.26 -8.71
CA ASP C 327 -5.44 -7.85 -9.61
C ASP C 327 -5.01 -9.25 -10.03
N THR C 328 -5.92 -10.22 -9.88
CA THR C 328 -5.58 -11.61 -10.17
C THR C 328 -5.31 -11.82 -11.66
N THR C 329 -6.17 -11.29 -12.52
CA THR C 329 -6.01 -11.40 -13.96
C THR C 329 -5.81 -10.07 -14.66
N LYS C 330 -6.53 -9.03 -14.24
CA LYS C 330 -6.44 -7.74 -14.90
C LYS C 330 -5.06 -7.11 -14.65
N GLU C 331 -4.62 -6.33 -15.63
CA GLU C 331 -3.36 -5.61 -15.54
C GLU C 331 -3.52 -4.30 -16.29
N THR C 332 -3.40 -3.18 -15.57
CA THR C 332 -3.76 -1.87 -16.09
C THR C 332 -2.50 -1.06 -16.41
N PHE C 333 -2.49 -0.46 -17.60
CA PHE C 333 -1.39 0.39 -18.05
C PHE C 333 -1.92 1.79 -18.31
N ARG C 334 -1.21 2.79 -17.80
CA ARG C 334 -1.68 4.17 -17.88
C ARG C 334 -0.60 5.05 -18.49
N PRO C 335 -0.97 6.14 -19.15
CA PRO C 335 0.04 7.00 -19.79
C PRO C 335 0.85 7.77 -18.76
N GLY C 336 2.08 8.10 -19.16
CA GLY C 336 2.95 8.83 -18.27
C GLY C 336 4.20 9.27 -19.00
N GLY C 337 5.08 9.95 -18.25
CA GLY C 337 6.31 10.46 -18.82
C GLY C 337 6.98 11.49 -17.93
N GLY C 338 7.17 12.70 -18.45
CA GLY C 338 7.83 13.75 -17.73
C GLY C 338 9.34 13.74 -17.85
N ASN C 339 9.93 12.57 -18.11
CA ASN C 339 11.37 12.43 -18.27
C ASN C 339 11.70 12.45 -19.75
N MET C 340 12.52 13.41 -20.17
CA MET C 340 12.85 13.55 -21.59
C MET C 340 13.90 12.54 -22.03
N LYS C 341 14.82 12.15 -21.15
CA LYS C 341 15.78 11.13 -21.50
C LYS C 341 15.09 9.89 -22.06
N ASP C 342 13.85 9.63 -21.63
CA ASP C 342 13.05 8.59 -22.25
C ASP C 342 12.66 8.95 -23.68
N ASN C 343 12.42 10.25 -23.94
CA ASN C 343 12.10 10.69 -25.29
C ASN C 343 13.29 10.51 -26.22
N TRP C 344 14.51 10.81 -25.74
CA TRP C 344 15.69 10.63 -26.56
C TRP C 344 16.01 9.16 -26.74
N ARG C 345 15.90 8.36 -25.67
CA ARG C 345 16.22 6.95 -25.75
C ARG C 345 15.37 6.23 -26.79
N SER C 346 14.17 6.75 -27.08
CA SER C 346 13.35 6.16 -28.13
C SER C 346 14.01 6.30 -29.51
N GLU C 347 15.02 7.17 -29.63
CA GLU C 347 15.72 7.38 -30.89
C GLU C 347 17.15 6.85 -30.87
N LEU C 348 17.82 6.86 -29.72
CA LEU C 348 19.23 6.49 -29.61
C LEU C 348 19.41 5.16 -28.91
N TYR C 349 18.52 4.21 -29.15
CA TYR C 349 18.61 2.91 -28.50
C TYR C 349 19.50 1.93 -29.26
N LYS C 350 19.60 2.08 -30.58
CA LYS C 350 20.43 1.18 -31.39
C LYS C 350 21.83 1.71 -31.61
N TYR C 351 22.06 3.01 -31.44
CA TYR C 351 23.37 3.60 -31.65
C TYR C 351 24.17 3.57 -30.36
N LYS C 352 25.50 3.50 -30.49
CA LYS C 352 26.39 3.66 -29.36
C LYS C 352 27.78 3.97 -29.86
N VAL C 353 28.49 4.84 -29.14
CA VAL C 353 29.82 5.25 -29.57
C VAL C 353 30.78 4.06 -29.50
N VAL C 354 31.90 4.18 -30.20
CA VAL C 354 32.97 3.19 -30.13
C VAL C 354 34.27 3.87 -30.54
N ARG C 355 35.39 3.35 -30.06
CA ARG C 355 36.71 3.85 -30.40
C ARG C 355 37.42 2.85 -31.31
N ILE C 356 38.25 3.37 -32.20
CA ILE C 356 39.01 2.54 -33.14
C ILE C 356 40.35 3.21 -33.42
N GLU C 357 41.14 2.59 -34.29
CA GLU C 357 42.46 3.12 -34.63
C GLU C 357 42.37 4.52 -35.25
#